data_5RAR
#
_entry.id   5RAR
#
_cell.length_a   57.750
_cell.length_b   93.410
_cell.length_c   94.215
_cell.angle_alpha   90.000
_cell.angle_beta   107.830
_cell.angle_gamma   90.000
#
_symmetry.space_group_name_H-M   'P 1 21 1'
#
loop_
_entity.id
_entity.type
_entity.pdbx_description
1 polymer 'Lysine-specific demethylase 3B'
2 non-polymer 2-[4-[(3~{S})-pyrazolidin-3-yl]phenoxy]pyrimidine
3 non-polymer 'CHLORIDE ION'
4 non-polymer 'MANGANESE (II) ION'
5 water water
#
_entity_poly.entity_id   1
_entity_poly.type   'polypeptide(L)'
_entity_poly.pdbx_seq_one_letter_code
;MHHHHHHSSGVDLGTENLYFQSMTSHSWLCDGRLLCLHDPSNKNNWKIFRECWKQGQPVLVSGVHKKLKSELWKPEAFSQ
EFGDQDVDLVNCRNCAIISDVKVRDFWDGFEIICKRLRSEDGQPMVLKLKDWPPGEDFRDMMPTRFEDLMENLPLPEYTK
RDGRLNLASRLPSYFVRPDLGPKMYNAYGLITAEDRRVGTTNLHLDVSDAVNVMVYVGIPIGEGAHDEEVLKTIDEGDAD
EVTKERIHDHKEKPGALWHIYAAKDAEKIRELLRKVGEEQGQENPPDHDPIHDQSWYLDQTLRKRLYEEYGVQGWAIVQF
LGDAVFIPAGAPHQVHNLYSCIKVAEDFVSPEHVKHCFRLTQEFRHLSNTHT
;
_entity_poly.pdbx_strand_id   A,B
#
# COMPACT_ATOMS: atom_id res chain seq x y z
N SER A 22 -34.30 34.88 15.47
CA SER A 22 -34.50 35.10 14.00
C SER A 22 -33.52 34.22 13.22
N MET A 23 -33.93 33.76 12.03
CA MET A 23 -33.11 32.93 11.11
C MET A 23 -32.08 33.82 10.38
N THR A 24 -30.81 33.39 10.41
CA THR A 24 -29.63 34.13 9.90
C THR A 24 -28.76 33.16 9.07
N SER A 25 -27.93 33.74 8.25
CA SER A 25 -27.08 32.98 7.28
C SER A 25 -26.06 32.08 8.02
N HIS A 26 -25.50 32.59 9.09
CA HIS A 26 -24.37 31.92 9.79
C HIS A 26 -24.12 32.53 11.16
N SER A 27 -23.30 31.89 11.97
CA SER A 27 -22.78 32.31 13.29
C SER A 27 -21.38 31.70 13.45
N TRP A 28 -20.79 31.94 14.61
CA TRP A 28 -19.41 31.53 14.91
C TRP A 28 -19.45 30.60 16.13
N LEU A 29 -18.54 29.64 16.13
CA LEU A 29 -18.22 28.89 17.34
C LEU A 29 -16.70 29.02 17.56
N CYS A 30 -16.15 28.33 18.56
CA CYS A 30 -14.71 28.34 18.87
C CYS A 30 -14.19 29.80 18.97
N ASP A 31 -14.95 30.64 19.68
CA ASP A 31 -14.52 32.06 19.95
C ASP A 31 -14.29 32.85 18.65
N GLY A 32 -15.09 32.62 17.61
CA GLY A 32 -14.95 33.25 16.27
C GLY A 32 -14.09 32.52 15.25
N ARG A 33 -13.42 31.39 15.68
CA ARG A 33 -12.47 30.67 14.79
C ARG A 33 -13.15 29.57 13.92
N LEU A 34 -14.45 29.31 14.11
CA LEU A 34 -15.20 28.23 13.37
C LEU A 34 -16.46 28.85 12.76
N LEU A 35 -16.55 28.84 11.43
CA LEU A 35 -17.79 29.22 10.71
C LEU A 35 -18.87 28.14 10.92
N CYS A 36 -20.09 28.54 11.29
N CYS A 36 -20.09 28.54 11.26
CA CYS A 36 -21.28 27.65 11.34
CA CYS A 36 -21.27 27.66 11.34
C CYS A 36 -22.36 28.16 10.38
C CYS A 36 -22.38 28.16 10.39
N LEU A 37 -22.54 27.48 9.25
CA LEU A 37 -23.59 27.84 8.26
C LEU A 37 -24.92 27.24 8.73
N HIS A 38 -26.03 27.96 8.57
CA HIS A 38 -27.34 27.53 9.13
C HIS A 38 -28.29 26.90 8.12
N ASP A 39 -28.18 27.15 6.83
CA ASP A 39 -29.13 26.69 5.79
C ASP A 39 -28.33 25.81 4.84
N PRO A 40 -28.42 24.46 4.94
CA PRO A 40 -27.57 23.59 4.15
C PRO A 40 -27.73 23.72 2.63
N SER A 41 -28.85 24.23 2.14
CA SER A 41 -29.15 24.28 0.69
C SER A 41 -29.17 25.71 0.14
N ASN A 42 -28.73 26.73 0.90
CA ASN A 42 -28.71 28.10 0.35
C ASN A 42 -27.65 28.19 -0.77
N LYS A 43 -28.05 28.60 -1.98
CA LYS A 43 -27.14 28.69 -3.13
C LYS A 43 -26.03 29.74 -2.96
N ASN A 44 -26.09 30.59 -1.94
CA ASN A 44 -25.04 31.63 -1.68
C ASN A 44 -24.07 31.25 -0.56
N ASN A 45 -24.12 30.02 -0.06
CA ASN A 45 -23.23 29.56 1.04
C ASN A 45 -21.75 29.73 0.66
N TRP A 46 -21.40 29.43 -0.59
CA TRP A 46 -20.00 29.51 -1.09
C TRP A 46 -19.34 30.87 -0.80
N LYS A 47 -20.15 31.96 -0.84
CA LYS A 47 -19.60 33.33 -0.64
C LYS A 47 -19.01 33.48 0.75
N ILE A 48 -19.59 32.80 1.74
CA ILE A 48 -19.19 32.86 3.17
C ILE A 48 -18.11 31.77 3.46
N PHE A 49 -18.29 30.59 2.88
CA PHE A 49 -17.42 29.41 3.04
C PHE A 49 -16.00 29.63 2.50
N ARG A 50 -15.91 30.26 1.32
CA ARG A 50 -14.68 30.20 0.47
C ARG A 50 -13.45 30.72 1.24
N GLU A 51 -13.56 31.87 1.91
CA GLU A 51 -12.37 32.47 2.57
C GLU A 51 -11.91 31.67 3.79
N CYS A 52 -12.89 31.17 4.59
CA CYS A 52 -12.52 30.33 5.75
C CYS A 52 -11.78 29.07 5.25
N TRP A 53 -12.29 28.45 4.20
CA TRP A 53 -11.70 27.23 3.63
C TRP A 53 -10.30 27.46 3.08
N LYS A 54 -10.13 28.56 2.35
CA LYS A 54 -8.82 28.89 1.74
C LYS A 54 -7.77 29.00 2.85
N GLN A 55 -8.11 29.51 4.06
CA GLN A 55 -7.22 29.66 5.24
C GLN A 55 -6.95 28.33 5.96
N GLY A 56 -7.55 27.24 5.54
CA GLY A 56 -7.23 25.92 6.12
C GLY A 56 -8.06 25.62 7.38
N GLN A 57 -9.15 26.37 7.61
CA GLN A 57 -10.08 26.12 8.74
C GLN A 57 -11.08 25.02 8.41
N PRO A 58 -11.45 24.20 9.43
CA PRO A 58 -12.68 23.40 9.32
C PRO A 58 -13.92 24.31 9.29
N VAL A 59 -15.08 23.78 8.84
CA VAL A 59 -16.37 24.51 8.79
C VAL A 59 -17.46 23.55 9.26
N LEU A 60 -18.48 24.05 9.93
CA LEU A 60 -19.66 23.26 10.33
C LEU A 60 -20.87 23.77 9.56
N VAL A 61 -21.75 22.85 9.12
CA VAL A 61 -23.05 23.19 8.48
C VAL A 61 -24.17 22.48 9.24
N SER A 62 -25.11 23.21 9.87
CA SER A 62 -26.20 22.57 10.64
C SER A 62 -27.46 22.34 9.75
N GLY A 63 -28.32 21.38 10.19
CA GLY A 63 -29.65 21.21 9.57
C GLY A 63 -29.78 20.18 8.49
N VAL A 64 -28.75 19.38 8.19
CA VAL A 64 -28.81 18.44 7.05
C VAL A 64 -29.87 17.34 7.34
N HIS A 65 -30.10 16.96 8.58
CA HIS A 65 -31.10 15.89 8.96
C HIS A 65 -32.48 16.30 8.45
N LYS A 66 -32.79 17.59 8.45
CA LYS A 66 -34.14 18.07 8.00
C LYS A 66 -34.31 17.87 6.48
N LYS A 67 -33.25 17.62 5.71
CA LYS A 67 -33.27 17.41 4.25
C LYS A 67 -33.39 15.92 3.89
N LEU A 68 -33.20 15.02 4.85
CA LEU A 68 -33.04 13.58 4.58
C LEU A 68 -34.38 12.86 4.88
N LYS A 69 -34.48 11.64 4.35
CA LYS A 69 -35.62 10.69 4.64
C LYS A 69 -35.29 9.92 5.94
N SER A 70 -35.81 10.39 7.08
CA SER A 70 -35.44 9.87 8.42
C SER A 70 -35.60 8.33 8.51
N GLU A 71 -36.60 7.75 7.84
CA GLU A 71 -36.79 6.27 7.93
C GLU A 71 -35.66 5.46 7.28
N LEU A 72 -34.81 6.04 6.41
CA LEU A 72 -33.69 5.34 5.77
C LEU A 72 -32.49 5.21 6.74
N TRP A 73 -32.45 5.99 7.80
CA TRP A 73 -31.20 6.16 8.60
C TRP A 73 -31.39 5.61 10.04
N LYS A 74 -32.29 4.65 10.24
CA LYS A 74 -32.59 4.08 11.59
C LYS A 74 -31.84 2.76 11.78
N PRO A 75 -31.30 2.51 12.99
CA PRO A 75 -30.64 1.24 13.33
C PRO A 75 -31.50 -0.02 13.06
N GLU A 76 -32.77 0.07 13.39
CA GLU A 76 -33.67 -1.10 13.21
C GLU A 76 -33.81 -1.44 11.72
N ALA A 77 -33.83 -0.46 10.84
CA ALA A 77 -33.90 -0.71 9.37
C ALA A 77 -32.62 -1.40 8.88
N PHE A 78 -31.41 -0.97 9.31
CA PHE A 78 -30.15 -1.62 8.89
C PHE A 78 -30.17 -3.07 9.37
N SER A 79 -30.64 -3.31 10.60
CA SER A 79 -30.68 -4.70 11.12
C SER A 79 -31.63 -5.60 10.31
N GLN A 80 -32.80 -5.10 10.00
CA GLN A 80 -33.85 -5.87 9.23
C GLN A 80 -33.32 -6.22 7.84
N GLU A 81 -32.68 -5.29 7.15
CA GLU A 81 -32.31 -5.44 5.70
C GLU A 81 -30.98 -6.18 5.52
N PHE A 82 -30.02 -6.02 6.42
CA PHE A 82 -28.63 -6.42 6.23
C PHE A 82 -28.11 -7.31 7.36
N GLY A 83 -28.98 -7.71 8.32
CA GLY A 83 -28.55 -8.37 9.57
C GLY A 83 -27.82 -9.69 9.44
N ASP A 84 -28.02 -10.42 8.33
CA ASP A 84 -27.34 -11.74 8.12
C ASP A 84 -25.93 -11.61 7.51
N GLN A 85 -25.45 -10.39 7.21
CA GLN A 85 -24.05 -10.22 6.76
C GLN A 85 -23.02 -10.50 7.85
N ASP A 86 -21.90 -11.11 7.49
CA ASP A 86 -20.77 -11.39 8.41
C ASP A 86 -19.83 -10.16 8.49
N VAL A 87 -19.39 -9.78 9.69
CA VAL A 87 -18.57 -8.55 9.91
C VAL A 87 -17.61 -8.79 11.06
N ASP A 88 -16.63 -7.89 11.21
CA ASP A 88 -15.80 -7.80 12.42
C ASP A 88 -16.17 -6.49 13.16
N LEU A 89 -16.10 -6.55 14.48
CA LEU A 89 -16.28 -5.40 15.38
C LEU A 89 -14.96 -5.10 16.06
N VAL A 90 -14.82 -3.88 16.55
CA VAL A 90 -13.69 -3.47 17.41
C VAL A 90 -14.20 -3.13 18.80
N ASN A 91 -13.54 -3.65 19.83
CA ASN A 91 -13.79 -3.23 21.22
C ASN A 91 -13.05 -1.90 21.45
N CYS A 92 -13.78 -0.78 21.50
CA CYS A 92 -13.13 0.57 21.61
C CYS A 92 -12.22 0.65 22.84
N ARG A 93 -12.51 -0.03 23.94
CA ARG A 93 -11.78 0.17 25.22
C ARG A 93 -10.34 -0.40 25.14
N ASN A 94 -10.08 -1.45 24.36
CA ASN A 94 -8.78 -2.20 24.38
C ASN A 94 -8.32 -2.57 22.96
N CYS A 95 -9.01 -2.12 21.90
CA CYS A 95 -8.70 -2.41 20.48
C CYS A 95 -8.76 -3.90 20.05
N ALA A 96 -9.29 -4.81 20.88
CA ALA A 96 -9.51 -6.23 20.54
C ALA A 96 -10.52 -6.32 19.40
N ILE A 97 -10.28 -7.26 18.49
CA ILE A 97 -11.15 -7.55 17.33
C ILE A 97 -12.09 -8.70 17.70
N ILE A 98 -13.37 -8.47 17.49
CA ILE A 98 -14.42 -9.51 17.58
C ILE A 98 -14.70 -9.97 16.17
N SER A 99 -14.23 -11.17 15.82
CA SER A 99 -14.20 -11.68 14.42
C SER A 99 -15.45 -12.45 14.06
N ASP A 100 -15.94 -12.20 12.85
CA ASP A 100 -16.88 -13.08 12.12
C ASP A 100 -18.17 -13.27 12.93
N VAL A 101 -18.81 -12.14 13.25
CA VAL A 101 -20.17 -12.12 13.87
C VAL A 101 -21.14 -11.51 12.88
N LYS A 102 -22.44 -11.61 13.12
CA LYS A 102 -23.51 -11.08 12.24
C LYS A 102 -23.69 -9.60 12.54
N VAL A 103 -23.94 -8.83 11.50
CA VAL A 103 -24.08 -7.38 11.73
C VAL A 103 -25.32 -7.06 12.57
N ARG A 104 -26.35 -7.92 12.64
CA ARG A 104 -27.47 -7.74 13.59
C ARG A 104 -26.96 -7.70 15.05
N ASP A 105 -25.90 -8.41 15.41
CA ASP A 105 -25.40 -8.46 16.82
C ASP A 105 -24.90 -7.05 17.20
N PHE A 106 -24.41 -6.26 16.21
CA PHE A 106 -24.06 -4.84 16.46
C PHE A 106 -25.34 -3.98 16.55
N TRP A 107 -26.15 -4.01 15.48
CA TRP A 107 -27.31 -3.08 15.36
C TRP A 107 -28.35 -3.27 16.50
N ASP A 108 -28.61 -4.50 16.90
CA ASP A 108 -29.70 -4.72 17.90
C ASP A 108 -29.31 -4.17 19.27
N GLY A 109 -28.03 -3.96 19.59
CA GLY A 109 -27.61 -3.36 20.84
C GLY A 109 -27.21 -1.88 20.68
N PHE A 110 -27.59 -1.23 19.60
CA PHE A 110 -27.12 0.17 19.35
C PHE A 110 -27.66 1.12 20.42
N GLU A 111 -28.91 0.98 20.82
CA GLU A 111 -29.54 1.90 21.84
C GLU A 111 -30.08 1.12 23.04
N ILE A 112 -30.47 -0.11 22.83
CA ILE A 112 -31.14 -0.91 23.89
C ILE A 112 -30.04 -1.68 24.61
N ILE A 113 -29.55 -1.20 25.75
CA ILE A 113 -28.34 -1.71 26.43
C ILE A 113 -28.56 -3.16 26.91
N CYS A 114 -29.77 -3.56 27.27
CA CYS A 114 -30.00 -4.97 27.69
C CYS A 114 -29.78 -5.99 26.56
N LYS A 115 -29.94 -5.57 25.28
CA LYS A 115 -29.79 -6.47 24.11
C LYS A 115 -28.33 -6.43 23.62
N ARG A 116 -27.51 -5.53 24.17
CA ARG A 116 -26.11 -5.31 23.72
C ARG A 116 -25.17 -6.39 24.25
N LEU A 117 -24.19 -6.76 23.43
CA LEU A 117 -23.08 -7.68 23.78
C LEU A 117 -22.40 -7.19 25.07
N ARG A 118 -22.02 -8.12 25.96
CA ARG A 118 -21.33 -7.83 27.25
C ARG A 118 -19.94 -8.49 27.27
N SER A 119 -18.99 -7.92 28.03
CA SER A 119 -17.64 -8.49 28.28
C SER A 119 -17.75 -9.73 29.18
N GLU A 120 -16.67 -10.50 29.31
CA GLU A 120 -16.64 -11.71 30.19
C GLU A 120 -17.05 -11.32 31.62
N ASP A 121 -16.63 -10.14 32.07
CA ASP A 121 -16.83 -9.56 33.43
C ASP A 121 -18.30 -9.15 33.62
N GLY A 122 -19.05 -9.02 32.53
CA GLY A 122 -20.51 -8.79 32.54
C GLY A 122 -20.92 -7.38 32.21
N GLN A 123 -19.99 -6.52 31.78
CA GLN A 123 -20.36 -5.11 31.42
C GLN A 123 -20.77 -4.98 29.96
N PRO A 124 -21.71 -4.07 29.66
CA PRO A 124 -22.03 -3.75 28.25
C PRO A 124 -20.77 -3.18 27.55
N MET A 125 -20.40 -3.72 26.37
CA MET A 125 -19.20 -3.26 25.61
C MET A 125 -19.47 -1.98 24.82
N VAL A 126 -18.41 -1.22 24.55
CA VAL A 126 -18.44 -0.10 23.57
C VAL A 126 -17.80 -0.57 22.30
N LEU A 127 -18.63 -0.74 21.25
CA LEU A 127 -18.20 -1.41 19.99
C LEU A 127 -18.25 -0.43 18.81
N LYS A 128 -17.33 -0.63 17.88
CA LYS A 128 -17.31 0.04 16.57
C LYS A 128 -17.51 -1.04 15.50
N LEU A 129 -18.37 -0.82 14.53
CA LEU A 129 -18.55 -1.72 13.37
C LEU A 129 -17.51 -1.37 12.31
N LYS A 130 -16.61 -2.30 12.02
CA LYS A 130 -15.44 -2.01 11.16
C LYS A 130 -15.83 -2.21 9.69
N ASP A 131 -15.52 -1.22 8.84
CA ASP A 131 -15.49 -1.34 7.35
C ASP A 131 -16.82 -1.94 6.86
N TRP A 132 -17.90 -1.19 7.07
CA TRP A 132 -19.27 -1.61 6.68
C TRP A 132 -20.11 -0.41 6.27
N PRO A 133 -20.75 -0.43 5.08
CA PRO A 133 -20.47 -1.39 4.01
C PRO A 133 -18.98 -1.45 3.63
N PRO A 134 -18.47 -2.61 3.20
CA PRO A 134 -17.06 -2.77 2.91
C PRO A 134 -16.56 -2.08 1.62
N GLY A 135 -15.32 -1.61 1.72
CA GLY A 135 -14.60 -0.91 0.64
C GLY A 135 -15.47 0.16 0.03
N GLU A 136 -15.66 0.08 -1.29
CA GLU A 136 -16.43 1.05 -2.13
C GLU A 136 -17.85 0.56 -2.37
N ASP A 137 -18.36 -0.40 -1.59
CA ASP A 137 -19.65 -1.09 -1.89
C ASP A 137 -20.91 -0.33 -1.43
N PHE A 138 -20.85 0.88 -0.82
CA PHE A 138 -22.06 1.58 -0.32
C PHE A 138 -23.13 1.73 -1.41
N ARG A 139 -22.77 2.28 -2.58
CA ARG A 139 -23.72 2.59 -3.68
C ARG A 139 -24.45 1.33 -4.17
N ASP A 140 -23.72 0.24 -4.37
CA ASP A 140 -24.27 -1.06 -4.86
C ASP A 140 -25.20 -1.63 -3.77
N MET A 141 -24.75 -1.63 -2.50
CA MET A 141 -25.52 -2.28 -1.40
C MET A 141 -26.76 -1.45 -1.03
N MET A 142 -26.65 -0.10 -1.05
CA MET A 142 -27.69 0.80 -0.50
C MET A 142 -27.98 1.93 -1.49
N PRO A 143 -28.58 1.67 -2.68
CA PRO A 143 -28.73 2.71 -3.69
C PRO A 143 -29.68 3.83 -3.25
N THR A 144 -30.72 3.58 -2.46
CA THR A 144 -31.68 4.61 -2.03
C THR A 144 -30.99 5.53 -0.98
N ARG A 145 -30.24 4.97 -0.04
CA ARG A 145 -29.43 5.78 0.93
C ARG A 145 -28.42 6.63 0.15
N PHE A 146 -27.73 6.06 -0.83
CA PHE A 146 -26.72 6.78 -1.64
C PHE A 146 -27.35 8.04 -2.26
N GLU A 147 -28.48 7.90 -2.98
CA GLU A 147 -29.22 9.04 -3.59
C GLU A 147 -29.65 10.06 -2.54
N ASP A 148 -30.15 9.64 -1.37
CA ASP A 148 -30.70 10.57 -0.37
C ASP A 148 -29.54 11.43 0.20
N LEU A 149 -28.40 10.80 0.40
CA LEU A 149 -27.21 11.55 0.95
C LEU A 149 -26.67 12.48 -0.14
N MET A 150 -26.32 11.96 -1.32
CA MET A 150 -25.55 12.74 -2.33
C MET A 150 -26.36 13.95 -2.80
N GLU A 151 -27.68 13.86 -2.89
CA GLU A 151 -28.59 14.94 -3.37
C GLU A 151 -28.74 16.03 -2.31
N ASN A 152 -28.32 15.80 -1.06
CA ASN A 152 -28.57 16.74 0.06
C ASN A 152 -27.24 17.21 0.74
N LEU A 153 -26.10 16.81 0.22
CA LEU A 153 -24.79 17.30 0.73
C LEU A 153 -24.73 18.83 0.58
N PRO A 154 -24.26 19.58 1.59
CA PRO A 154 -23.98 21.02 1.44
C PRO A 154 -22.74 21.28 0.59
N LEU A 155 -22.64 22.52 0.09
CA LEU A 155 -21.52 23.01 -0.75
C LEU A 155 -21.33 22.05 -1.93
N PRO A 156 -22.41 21.80 -2.71
CA PRO A 156 -22.38 20.75 -3.72
C PRO A 156 -21.39 20.97 -4.87
N GLU A 157 -20.95 22.18 -5.18
CA GLU A 157 -19.90 22.36 -6.21
C GLU A 157 -18.58 21.75 -5.74
N TYR A 158 -18.34 21.72 -4.43
CA TYR A 158 -17.16 21.06 -3.82
C TYR A 158 -17.39 19.56 -3.60
N THR A 159 -18.58 19.15 -3.09
CA THR A 159 -18.75 17.81 -2.47
C THR A 159 -19.32 16.75 -3.43
N LYS A 160 -20.03 17.11 -4.48
CA LYS A 160 -20.61 16.09 -5.43
C LYS A 160 -19.47 15.52 -6.29
N ARG A 161 -19.63 14.28 -6.78
CA ARG A 161 -18.56 13.54 -7.48
C ARG A 161 -18.11 14.33 -8.72
N ASP A 162 -19.05 15.03 -9.36
CA ASP A 162 -18.89 15.88 -10.58
C ASP A 162 -19.12 17.37 -10.29
N GLY A 163 -18.92 17.83 -9.05
CA GLY A 163 -19.03 19.28 -8.77
C GLY A 163 -17.94 19.99 -9.56
N ARG A 164 -18.23 21.22 -9.94
CA ARG A 164 -17.24 22.04 -10.69
C ARG A 164 -15.95 22.29 -9.88
N LEU A 165 -16.01 22.41 -8.55
CA LEU A 165 -14.81 22.62 -7.73
C LEU A 165 -14.28 21.33 -7.05
N ASN A 166 -14.67 20.15 -7.56
CA ASN A 166 -14.10 18.89 -7.05
C ASN A 166 -13.17 18.35 -8.14
N LEU A 167 -11.89 18.39 -7.89
CA LEU A 167 -10.89 17.95 -8.89
C LEU A 167 -10.69 16.42 -8.87
N ALA A 168 -11.40 15.66 -8.05
CA ALA A 168 -11.11 14.20 -7.86
C ALA A 168 -11.10 13.46 -9.21
N SER A 169 -12.02 13.75 -10.11
CA SER A 169 -12.14 13.01 -11.41
C SER A 169 -11.22 13.60 -12.48
N ARG A 170 -10.50 14.68 -12.18
CA ARG A 170 -9.79 15.51 -13.19
C ARG A 170 -8.27 15.49 -13.02
N LEU A 171 -7.72 14.68 -12.14
CA LEU A 171 -6.28 14.78 -11.91
C LEU A 171 -5.53 13.56 -12.44
N PRO A 172 -4.27 13.79 -12.86
CA PRO A 172 -3.46 12.65 -13.29
C PRO A 172 -2.88 11.92 -12.08
N SER A 173 -2.12 10.85 -12.38
CA SER A 173 -1.55 9.91 -11.37
C SER A 173 -0.46 10.54 -10.50
N TYR A 174 0.01 11.75 -10.80
CA TYR A 174 0.90 12.55 -9.94
C TYR A 174 0.16 12.98 -8.64
N PHE A 175 -1.13 12.70 -8.53
CA PHE A 175 -1.96 13.05 -7.32
C PHE A 175 -2.59 11.77 -6.78
N VAL A 176 -2.58 11.61 -5.45
CA VAL A 176 -3.35 10.52 -4.79
C VAL A 176 -4.81 10.90 -4.88
N ARG A 177 -5.63 10.03 -5.47
CA ARG A 177 -7.07 10.25 -5.66
C ARG A 177 -7.86 9.46 -4.61
N PRO A 178 -8.97 10.00 -4.05
CA PRO A 178 -9.74 9.23 -3.07
C PRO A 178 -10.54 8.07 -3.66
N ASP A 179 -10.87 7.06 -2.82
CA ASP A 179 -11.70 5.92 -3.24
C ASP A 179 -13.09 6.50 -3.52
N LEU A 180 -13.92 5.75 -4.25
CA LEU A 180 -15.33 6.11 -4.49
C LEU A 180 -16.07 5.92 -3.16
N GLY A 181 -16.96 6.85 -2.85
CA GLY A 181 -17.61 6.91 -1.51
C GLY A 181 -19.11 6.77 -1.70
N PRO A 182 -19.90 7.11 -0.70
CA PRO A 182 -19.42 7.48 0.63
C PRO A 182 -19.00 6.29 1.50
N LYS A 183 -18.56 6.59 2.73
CA LYS A 183 -18.16 5.60 3.75
C LYS A 183 -19.03 5.83 5.00
N MET A 184 -19.51 4.77 5.64
CA MET A 184 -20.36 4.87 6.85
C MET A 184 -19.51 4.53 8.07
N TYR A 185 -19.69 5.27 9.18
CA TYR A 185 -18.94 5.16 10.45
C TYR A 185 -19.97 4.97 11.57
N ASN A 186 -20.03 3.74 12.10
CA ASN A 186 -21.07 3.29 13.08
C ASN A 186 -20.34 2.83 14.36
N ALA A 187 -20.69 3.41 15.48
CA ALA A 187 -20.09 3.03 16.78
C ALA A 187 -20.96 3.50 17.94
N TYR A 188 -20.89 2.76 19.07
CA TYR A 188 -21.60 3.09 20.30
C TYR A 188 -20.97 4.33 20.97
N GLY A 189 -21.64 4.92 21.94
CA GLY A 189 -21.12 6.04 22.74
C GLY A 189 -20.16 5.51 23.78
N LEU A 190 -19.12 6.27 24.12
CA LEU A 190 -18.26 5.96 25.30
C LEU A 190 -19.06 6.36 26.54
N ILE A 191 -18.87 5.62 27.64
CA ILE A 191 -19.84 5.62 28.77
C ILE A 191 -19.20 6.16 30.07
N THR A 192 -18.12 5.57 30.51
CA THR A 192 -17.60 5.76 31.89
C THR A 192 -16.61 6.93 32.00
N ALA A 193 -16.24 7.29 33.23
CA ALA A 193 -15.14 8.28 33.44
C ALA A 193 -13.82 7.80 32.84
N GLU A 194 -13.47 6.52 32.97
CA GLU A 194 -12.27 5.93 32.36
C GLU A 194 -12.37 6.04 30.83
N ASP A 195 -13.58 5.91 30.28
CA ASP A 195 -13.73 5.98 28.81
C ASP A 195 -13.43 7.39 28.23
N ARG A 196 -13.35 8.44 29.05
CA ARG A 196 -13.14 9.82 28.53
C ARG A 196 -11.81 9.89 27.75
N ARG A 197 -10.80 9.13 28.17
CA ARG A 197 -9.45 9.19 27.53
C ARG A 197 -9.31 8.30 26.30
N VAL A 198 -10.38 7.61 25.85
CA VAL A 198 -10.39 6.65 24.72
C VAL A 198 -10.99 7.35 23.48
N GLY A 199 -10.48 7.08 22.28
CA GLY A 199 -11.12 7.59 21.07
C GLY A 199 -12.03 6.56 20.45
N THR A 200 -13.02 7.02 19.73
CA THR A 200 -13.77 6.20 18.76
C THR A 200 -12.91 6.02 17.51
N THR A 201 -12.38 7.13 16.97
CA THR A 201 -11.37 7.11 15.88
C THR A 201 -10.14 7.88 16.39
N ASN A 202 -8.99 7.24 16.44
CA ASN A 202 -7.72 7.85 16.89
C ASN A 202 -7.24 8.96 15.94
N LEU A 203 -6.36 9.79 16.48
CA LEU A 203 -5.66 10.87 15.72
C LEU A 203 -5.04 10.35 14.43
N HIS A 204 -5.39 10.97 13.28
CA HIS A 204 -4.90 10.60 11.95
C HIS A 204 -5.12 11.76 10.98
N LEU A 205 -4.60 11.68 9.75
CA LEU A 205 -4.93 12.70 8.72
C LEU A 205 -5.22 11.99 7.41
N ASP A 206 -5.88 12.71 6.51
CA ASP A 206 -6.29 12.24 5.16
C ASP A 206 -5.69 13.22 4.14
N VAL A 207 -5.25 12.73 2.97
CA VAL A 207 -4.66 13.62 1.96
C VAL A 207 -5.73 14.24 1.04
N SER A 208 -7.00 13.83 1.17
N SER A 208 -6.98 13.81 1.17
CA SER A 208 -8.19 14.44 0.53
CA SER A 208 -8.18 14.41 0.52
C SER A 208 -9.02 15.21 1.56
C SER A 208 -8.95 15.26 1.56
N ASP A 209 -9.78 16.20 1.09
CA ASP A 209 -10.77 16.86 1.94
C ASP A 209 -11.88 15.85 2.25
N ALA A 210 -12.68 16.11 3.30
CA ALA A 210 -13.88 15.30 3.55
C ALA A 210 -15.02 16.12 4.13
N VAL A 211 -16.25 15.69 3.88
CA VAL A 211 -17.46 16.17 4.59
C VAL A 211 -18.07 14.99 5.35
N ASN A 212 -18.34 15.14 6.64
CA ASN A 212 -18.81 14.04 7.53
C ASN A 212 -20.16 14.47 8.08
N VAL A 213 -21.26 13.73 7.77
CA VAL A 213 -22.65 14.10 8.18
C VAL A 213 -23.15 13.15 9.29
N MET A 214 -23.60 13.70 10.40
CA MET A 214 -24.25 12.94 11.51
C MET A 214 -25.72 12.73 11.10
N VAL A 215 -26.06 11.46 10.72
CA VAL A 215 -27.43 11.14 10.19
C VAL A 215 -28.31 10.53 11.28
N TYR A 216 -27.76 10.03 12.38
CA TYR A 216 -28.59 9.45 13.49
C TYR A 216 -27.80 9.47 14.79
N VAL A 217 -28.45 9.83 15.91
CA VAL A 217 -27.91 9.73 17.28
C VAL A 217 -28.88 8.88 18.14
N GLY A 218 -28.34 7.81 18.72
CA GLY A 218 -29.10 6.94 19.64
C GLY A 218 -28.72 7.20 21.07
N ILE A 219 -29.68 7.66 21.88
CA ILE A 219 -29.45 7.99 23.31
C ILE A 219 -30.16 6.95 24.16
N PRO A 220 -29.43 6.06 24.86
CA PRO A 220 -30.10 5.04 25.69
C PRO A 220 -30.98 5.66 26.77
N ILE A 221 -32.14 5.04 27.03
CA ILE A 221 -33.05 5.45 28.14
C ILE A 221 -33.24 4.27 29.09
N GLY A 222 -33.33 4.55 30.37
CA GLY A 222 -33.48 3.54 31.43
C GLY A 222 -32.17 2.82 31.72
N GLU A 223 -32.13 1.50 31.47
CA GLU A 223 -31.20 0.52 32.09
C GLU A 223 -29.77 1.06 32.22
N GLY A 224 -29.13 1.44 31.11
CA GLY A 224 -27.72 1.90 31.09
C GLY A 224 -27.58 3.33 30.58
N ALA A 225 -28.50 4.23 30.93
CA ALA A 225 -28.38 5.68 30.65
C ALA A 225 -27.09 6.22 31.31
N HIS A 226 -26.46 7.21 30.67
CA HIS A 226 -25.15 7.75 31.09
C HIS A 226 -25.07 9.26 30.80
N ASP A 227 -26.19 9.97 30.92
CA ASP A 227 -26.33 11.41 30.57
C ASP A 227 -25.43 12.28 31.47
N GLU A 228 -25.24 11.89 32.73
CA GLU A 228 -24.49 12.73 33.72
C GLU A 228 -23.03 12.85 33.28
N GLU A 229 -22.37 11.76 32.85
CA GLU A 229 -20.92 11.77 32.46
C GLU A 229 -20.72 12.48 31.09
N VAL A 230 -21.71 12.48 30.21
CA VAL A 230 -21.65 13.30 28.94
C VAL A 230 -21.55 14.79 29.31
N LEU A 231 -22.45 15.27 30.18
CA LEU A 231 -22.50 16.68 30.64
C LEU A 231 -21.23 17.05 31.41
N LYS A 232 -20.67 16.12 32.17
N LYS A 232 -20.73 16.18 32.30
CA LYS A 232 -19.45 16.29 33.00
CA LYS A 232 -19.43 16.37 32.99
C LYS A 232 -18.19 16.30 32.09
C LYS A 232 -18.36 16.59 31.91
N THR A 233 -18.28 15.69 30.91
CA THR A 233 -17.20 15.66 29.87
C THR A 233 -17.19 17.02 29.16
N ILE A 234 -18.36 17.51 28.78
CA ILE A 234 -18.53 18.87 28.17
C ILE A 234 -18.09 19.94 29.18
N ASP A 235 -18.56 19.88 30.43
CA ASP A 235 -18.32 20.98 31.41
C ASP A 235 -16.84 21.07 31.80
N GLU A 236 -16.11 19.95 31.84
CA GLU A 236 -14.71 19.88 32.35
C GLU A 236 -13.69 20.03 31.20
N GLY A 237 -14.15 20.10 29.94
CA GLY A 237 -13.30 20.01 28.75
C GLY A 237 -12.96 21.37 28.13
N ASP A 238 -12.53 21.34 26.87
CA ASP A 238 -11.91 22.45 26.08
C ASP A 238 -12.94 23.29 25.33
N ALA A 239 -14.22 22.89 25.29
CA ALA A 239 -15.25 23.45 24.36
C ALA A 239 -15.53 24.92 24.68
N ASP A 240 -15.97 25.68 23.67
CA ASP A 240 -16.24 27.14 23.91
C ASP A 240 -17.60 27.31 24.60
N GLU A 241 -17.83 28.53 25.12
CA GLU A 241 -19.01 28.80 25.97
C GLU A 241 -20.27 28.73 25.14
N VAL A 242 -20.24 29.08 23.86
CA VAL A 242 -21.46 29.04 23.02
C VAL A 242 -21.82 27.55 22.69
N THR A 243 -20.85 26.68 22.40
CA THR A 243 -21.12 25.21 22.25
C THR A 243 -21.69 24.68 23.59
N LYS A 244 -21.19 25.14 24.75
CA LYS A 244 -21.75 24.69 26.06
C LYS A 244 -23.22 25.14 26.18
N GLU A 245 -23.45 26.39 25.74
CA GLU A 245 -24.75 26.96 25.29
C GLU A 245 -25.09 26.40 23.91
N ARG A 246 -25.15 25.07 23.80
CA ARG A 246 -25.92 24.31 22.79
C ARG A 246 -26.24 22.97 23.45
N ILE A 247 -25.28 22.44 24.21
CA ILE A 247 -25.47 21.26 25.10
C ILE A 247 -26.58 21.57 26.12
N HIS A 248 -26.48 22.68 26.84
CA HIS A 248 -27.30 22.96 28.04
C HIS A 248 -28.74 23.38 27.66
N ASP A 249 -28.93 23.98 26.48
CA ASP A 249 -30.27 24.32 25.93
C ASP A 249 -31.15 23.05 25.80
N HIS A 250 -30.57 21.87 25.57
CA HIS A 250 -31.26 20.55 25.53
C HIS A 250 -32.35 20.53 24.44
N LYS A 251 -32.10 21.17 23.31
CA LYS A 251 -33.03 21.23 22.14
C LYS A 251 -32.55 20.28 21.02
N GLU A 252 -31.25 19.99 20.98
CA GLU A 252 -30.60 19.18 19.91
C GLU A 252 -29.76 18.04 20.53
N LYS A 253 -29.76 16.87 19.88
CA LYS A 253 -29.03 15.65 20.32
C LYS A 253 -27.54 15.75 19.96
N PRO A 254 -26.61 15.74 20.95
CA PRO A 254 -25.16 15.77 20.69
C PRO A 254 -24.66 14.38 20.32
N GLY A 255 -23.90 14.22 19.25
CA GLY A 255 -23.40 12.91 18.83
C GLY A 255 -21.96 12.65 19.25
N ALA A 256 -21.00 13.50 18.80
CA ALA A 256 -19.56 13.21 18.91
C ALA A 256 -18.74 14.49 19.18
N LEU A 257 -17.69 14.31 19.97
CA LEU A 257 -16.67 15.38 20.25
C LEU A 257 -15.51 15.16 19.32
N TRP A 258 -15.17 16.18 18.48
CA TRP A 258 -13.98 16.16 17.59
C TRP A 258 -12.89 17.08 18.16
N HIS A 259 -11.63 16.74 17.86
CA HIS A 259 -10.55 17.77 17.91
C HIS A 259 -9.89 17.73 16.54
N ILE A 260 -9.74 18.92 15.93
CA ILE A 260 -9.12 19.11 14.60
C ILE A 260 -7.95 20.10 14.76
N TYR A 261 -6.86 19.85 14.06
CA TYR A 261 -5.64 20.69 14.12
C TYR A 261 -5.32 21.11 12.69
N ALA A 262 -4.75 22.32 12.54
CA ALA A 262 -4.34 22.82 11.23
C ALA A 262 -3.25 21.93 10.61
N ALA A 263 -3.34 21.75 9.30
CA ALA A 263 -2.36 20.95 8.55
C ALA A 263 -0.93 21.48 8.83
N LYS A 264 -0.76 22.79 8.98
CA LYS A 264 0.58 23.40 9.26
C LYS A 264 1.17 22.96 10.60
N ASP A 265 0.38 22.38 11.51
CA ASP A 265 0.85 22.01 12.88
C ASP A 265 1.11 20.50 12.98
N ALA A 266 0.96 19.75 11.89
CA ALA A 266 1.11 18.27 11.95
C ALA A 266 2.50 17.86 12.45
N GLU A 267 3.59 18.48 11.99
CA GLU A 267 4.94 18.02 12.44
C GLU A 267 5.16 18.32 13.94
N LYS A 268 4.70 19.47 14.46
CA LYS A 268 4.77 19.77 15.93
C LYS A 268 4.05 18.68 16.72
N ILE A 269 2.88 18.22 16.24
CA ILE A 269 2.13 17.12 16.91
C ILE A 269 2.99 15.86 16.87
N ARG A 270 3.60 15.51 15.74
CA ARG A 270 4.48 14.31 15.67
C ARG A 270 5.61 14.44 16.71
N GLU A 271 6.21 15.61 16.84
CA GLU A 271 7.29 15.82 17.86
C GLU A 271 6.81 15.54 19.27
N LEU A 272 5.64 16.05 19.68
CA LEU A 272 5.08 15.74 21.01
C LEU A 272 4.91 14.22 21.15
N LEU A 273 4.26 13.56 20.20
CA LEU A 273 3.94 12.12 20.35
C LEU A 273 5.23 11.27 20.34
N ARG A 274 6.28 11.65 19.60
CA ARG A 274 7.59 10.93 19.71
C ARG A 274 8.13 11.08 21.15
N LYS A 275 8.07 12.25 21.73
CA LYS A 275 8.55 12.50 23.13
C LYS A 275 7.73 11.70 24.12
N VAL A 276 6.41 11.70 23.99
CA VAL A 276 5.52 10.93 24.92
C VAL A 276 5.73 9.43 24.69
N GLY A 277 5.88 8.91 23.46
CA GLY A 277 6.14 7.47 23.24
C GLY A 277 7.41 7.03 23.96
N GLU A 278 8.44 7.87 23.93
CA GLU A 278 9.75 7.60 24.59
C GLU A 278 9.54 7.63 26.12
N GLU A 279 8.84 8.62 26.66
CA GLU A 279 8.56 8.68 28.13
C GLU A 279 7.86 7.39 28.59
N GLN A 280 6.99 6.81 27.77
CA GLN A 280 6.16 5.63 28.14
C GLN A 280 6.91 4.33 27.80
N GLY A 281 8.16 4.44 27.35
CA GLY A 281 9.05 3.28 27.14
C GLY A 281 8.83 2.60 25.81
N GLN A 282 8.10 3.19 24.87
CA GLN A 282 8.08 2.72 23.46
C GLN A 282 9.51 2.87 22.90
N GLU A 283 9.91 2.02 21.98
CA GLU A 283 11.27 2.06 21.41
C GLU A 283 11.10 2.24 19.91
N ASN A 284 11.15 3.50 19.47
CA ASN A 284 10.74 3.94 18.12
C ASN A 284 11.89 4.68 17.46
N PRO A 285 12.15 4.45 16.16
CA PRO A 285 13.15 5.25 15.43
C PRO A 285 12.76 6.72 15.40
N PRO A 286 13.74 7.64 15.25
CA PRO A 286 13.51 9.06 15.47
C PRO A 286 12.64 9.74 14.39
N ASP A 287 12.38 8.99 13.30
CA ASP A 287 11.67 9.41 12.05
C ASP A 287 10.25 8.84 12.02
N HIS A 288 9.88 7.93 12.93
CA HIS A 288 8.60 7.19 12.84
C HIS A 288 7.45 8.21 12.94
N ASP A 289 6.31 7.86 12.34
CA ASP A 289 5.16 8.79 12.15
C ASP A 289 4.01 8.37 13.05
N PRO A 290 3.90 8.98 14.25
CA PRO A 290 2.83 8.63 15.19
C PRO A 290 1.43 9.01 14.70
N ILE A 291 1.32 9.96 13.79
CA ILE A 291 -0.02 10.29 13.20
C ILE A 291 -0.42 9.19 12.20
N HIS A 292 0.45 8.78 11.26
CA HIS A 292 0.12 7.69 10.30
C HIS A 292 -0.23 6.39 11.02
N ASP A 293 0.39 6.11 12.15
CA ASP A 293 0.17 4.88 12.95
C ASP A 293 -1.24 4.82 13.53
N GLN A 294 -1.91 5.95 13.71
CA GLN A 294 -3.34 5.99 14.16
C GLN A 294 -3.47 5.25 15.51
N SER A 295 -2.50 5.44 16.38
CA SER A 295 -2.43 4.74 17.68
C SER A 295 -2.73 5.66 18.87
N TRP A 296 -2.83 6.99 18.70
CA TRP A 296 -2.93 7.94 19.82
C TRP A 296 -4.32 8.60 19.86
N TYR A 297 -4.84 8.82 21.06
CA TYR A 297 -5.96 9.77 21.32
C TYR A 297 -5.41 10.84 22.26
N LEU A 298 -5.52 12.12 21.88
CA LEU A 298 -5.07 13.25 22.73
C LEU A 298 -6.15 13.51 23.81
N ASP A 299 -5.87 13.07 25.06
CA ASP A 299 -6.75 13.32 26.21
C ASP A 299 -6.51 14.75 26.75
N GLN A 300 -7.19 15.20 27.80
CA GLN A 300 -7.09 16.56 28.28
C GLN A 300 -5.62 16.85 28.64
N THR A 301 -4.91 15.91 29.28
CA THR A 301 -3.48 16.09 29.65
C THR A 301 -2.64 16.35 28.40
N LEU A 302 -2.77 15.52 27.36
CA LEU A 302 -1.96 15.67 26.13
C LEU A 302 -2.35 16.97 25.37
N ARG A 303 -3.64 17.37 25.33
CA ARG A 303 -4.05 18.59 24.60
C ARG A 303 -3.41 19.79 25.29
N LYS A 304 -3.39 19.81 26.61
CA LYS A 304 -2.77 20.94 27.37
C LYS A 304 -1.24 20.97 27.12
N ARG A 305 -0.57 19.82 27.09
CA ARG A 305 0.89 19.72 26.83
C ARG A 305 1.18 20.25 25.41
N LEU A 306 0.34 19.93 24.45
CA LEU A 306 0.50 20.38 23.05
C LEU A 306 0.45 21.90 23.02
N TYR A 307 -0.49 22.51 23.69
CA TYR A 307 -0.63 23.98 23.77
C TYR A 307 0.59 24.59 24.52
N GLU A 308 0.92 24.10 25.70
CA GLU A 308 1.90 24.79 26.60
C GLU A 308 3.32 24.60 26.03
N GLU A 309 3.67 23.40 25.60
CA GLU A 309 5.06 22.97 25.25
C GLU A 309 5.41 23.27 23.78
N TYR A 310 4.43 23.25 22.87
CA TYR A 310 4.65 23.40 21.42
C TYR A 310 3.88 24.61 20.85
N GLY A 311 3.01 25.28 21.61
CA GLY A 311 2.26 26.45 21.15
C GLY A 311 1.18 26.16 20.08
N VAL A 312 0.61 24.95 20.13
CA VAL A 312 -0.41 24.50 19.11
C VAL A 312 -1.82 24.48 19.75
N GLN A 313 -2.75 25.17 19.10
CA GLN A 313 -4.19 25.26 19.48
C GLN A 313 -4.97 24.48 18.42
N GLY A 314 -6.04 23.87 18.83
CA GLY A 314 -6.93 23.19 17.87
C GLY A 314 -8.34 23.74 17.93
N TRP A 315 -9.24 23.03 17.28
CA TRP A 315 -10.70 23.31 17.27
C TRP A 315 -11.38 22.15 17.98
N ALA A 316 -12.06 22.40 19.09
CA ALA A 316 -12.93 21.42 19.79
C ALA A 316 -14.35 21.59 19.28
N ILE A 317 -14.94 20.58 18.60
CA ILE A 317 -16.22 20.69 17.87
C ILE A 317 -17.17 19.60 18.38
N VAL A 318 -18.35 19.98 18.83
CA VAL A 318 -19.43 19.00 19.13
C VAL A 318 -20.33 18.92 17.89
N GLN A 319 -20.39 17.71 17.30
CA GLN A 319 -21.18 17.39 16.10
C GLN A 319 -22.55 16.87 16.60
N PHE A 320 -23.61 17.65 16.42
CA PHE A 320 -25.00 17.27 16.80
C PHE A 320 -25.65 16.56 15.61
N LEU A 321 -26.81 15.94 15.85
CA LEU A 321 -27.64 15.39 14.75
C LEU A 321 -27.81 16.44 13.65
N GLY A 322 -27.50 16.01 12.43
CA GLY A 322 -27.63 16.79 11.19
C GLY A 322 -26.49 17.78 10.96
N ASP A 323 -25.48 17.82 11.82
CA ASP A 323 -24.28 18.65 11.53
C ASP A 323 -23.38 17.93 10.51
N ALA A 324 -22.88 18.69 9.54
CA ALA A 324 -21.85 18.32 8.57
C ALA A 324 -20.52 18.98 8.96
N VAL A 325 -19.50 18.21 9.29
CA VAL A 325 -18.13 18.72 9.62
C VAL A 325 -17.30 18.62 8.32
N PHE A 326 -16.71 19.75 7.89
CA PHE A 326 -15.78 19.83 6.74
C PHE A 326 -14.35 19.78 7.29
N ILE A 327 -13.58 18.74 6.89
CA ILE A 327 -12.22 18.49 7.41
C ILE A 327 -11.20 18.78 6.30
N PRO A 328 -10.35 19.82 6.40
CA PRO A 328 -9.39 20.12 5.35
C PRO A 328 -8.33 19.02 5.19
N ALA A 329 -7.96 18.76 3.92
CA ALA A 329 -6.83 17.84 3.62
C ALA A 329 -5.62 18.21 4.43
N GLY A 330 -4.97 17.16 4.98
CA GLY A 330 -3.76 17.32 5.78
C GLY A 330 -3.97 17.65 7.24
N ALA A 331 -5.23 17.98 7.68
CA ALA A 331 -5.49 18.38 9.05
C ALA A 331 -5.59 17.18 9.99
N PRO A 332 -4.72 16.99 10.99
CA PRO A 332 -4.85 15.87 11.95
C PRO A 332 -6.15 16.01 12.74
N HIS A 333 -6.88 14.93 12.98
CA HIS A 333 -8.20 14.96 13.69
C HIS A 333 -8.47 13.63 14.41
N GLN A 334 -9.32 13.72 15.44
CA GLN A 334 -9.73 12.56 16.24
C GLN A 334 -11.20 12.75 16.61
N VAL A 335 -11.88 11.63 16.94
CA VAL A 335 -13.35 11.58 17.19
C VAL A 335 -13.64 10.73 18.43
N HIS A 336 -14.50 11.25 19.30
CA HIS A 336 -14.93 10.58 20.56
C HIS A 336 -16.46 10.64 20.62
N ASN A 337 -17.15 9.50 20.41
CA ASN A 337 -18.63 9.47 20.47
C ASN A 337 -19.14 9.67 21.90
N LEU A 338 -20.07 10.60 22.07
CA LEU A 338 -20.75 10.90 23.36
C LEU A 338 -21.91 9.92 23.52
N TYR A 339 -22.65 9.72 22.44
CA TYR A 339 -23.75 8.71 22.32
C TYR A 339 -23.51 7.85 21.09
N SER A 340 -24.38 6.84 20.85
CA SER A 340 -24.24 5.97 19.67
C SER A 340 -24.52 6.78 18.40
N CYS A 341 -23.63 6.68 17.39
CA CYS A 341 -23.67 7.53 16.18
C CYS A 341 -23.67 6.74 14.88
N ILE A 342 -24.45 7.22 13.91
CA ILE A 342 -24.32 6.82 12.47
C ILE A 342 -23.83 8.09 11.74
N LYS A 343 -22.63 8.02 11.20
CA LYS A 343 -22.04 9.10 10.39
C LYS A 343 -21.87 8.59 8.95
N VAL A 344 -21.97 9.48 7.95
CA VAL A 344 -21.71 9.18 6.55
C VAL A 344 -20.77 10.28 6.00
N ALA A 345 -19.66 9.87 5.38
CA ALA A 345 -18.63 10.82 4.93
C ALA A 345 -18.33 10.65 3.44
N GLU A 346 -18.11 11.76 2.74
CA GLU A 346 -17.69 11.77 1.30
C GLU A 346 -16.34 12.49 1.19
N ASP A 347 -15.37 11.89 0.53
CA ASP A 347 -14.09 12.57 0.23
C ASP A 347 -14.23 13.42 -1.06
N PHE A 348 -13.45 14.49 -1.18
CA PHE A 348 -13.41 15.37 -2.39
C PHE A 348 -12.01 16.01 -2.43
N VAL A 349 -11.69 16.67 -3.55
CA VAL A 349 -10.38 17.34 -3.76
C VAL A 349 -10.64 18.77 -4.21
N SER A 350 -10.69 19.70 -3.26
CA SER A 350 -10.86 21.12 -3.58
C SER A 350 -9.55 21.71 -4.13
N PRO A 351 -9.66 22.75 -4.98
CA PRO A 351 -8.46 23.42 -5.48
C PRO A 351 -7.63 24.06 -4.36
N GLU A 352 -8.31 24.55 -3.31
CA GLU A 352 -7.66 25.23 -2.17
C GLU A 352 -6.61 24.32 -1.51
N HIS A 353 -6.79 22.99 -1.52
CA HIS A 353 -5.95 22.07 -0.72
C HIS A 353 -5.27 20.99 -1.56
N VAL A 354 -5.31 21.08 -2.89
CA VAL A 354 -4.76 20.01 -3.78
C VAL A 354 -3.29 19.74 -3.49
N LYS A 355 -2.47 20.70 -3.05
CA LYS A 355 -1.04 20.46 -2.68
C LYS A 355 -0.85 19.24 -1.79
N HIS A 356 -1.80 18.94 -0.89
CA HIS A 356 -1.66 17.88 0.12
C HIS A 356 -1.66 16.49 -0.51
N CYS A 357 -2.16 16.29 -1.75
CA CYS A 357 -2.19 14.94 -2.39
C CYS A 357 -1.15 14.85 -3.53
N PHE A 358 -0.32 15.85 -3.79
CA PHE A 358 0.72 15.80 -4.86
C PHE A 358 1.85 14.85 -4.37
N ARG A 359 2.32 14.00 -5.30
CA ARG A 359 3.32 12.93 -4.99
C ARG A 359 4.77 13.43 -5.15
N LEU A 360 5.06 14.66 -5.53
CA LEU A 360 6.46 15.14 -5.51
C LEU A 360 6.71 16.26 -4.50
N THR A 361 8.00 16.45 -4.15
CA THR A 361 8.63 17.58 -3.42
C THR A 361 7.95 17.77 -2.07
N MET B 23 41.30 -26.19 -18.07
CA MET B 23 41.99 -24.97 -17.65
C MET B 23 41.01 -23.78 -17.74
N THR B 24 39.78 -24.02 -18.17
CA THR B 24 38.73 -22.97 -18.19
C THR B 24 38.63 -22.35 -16.77
N SER B 25 38.66 -21.02 -16.66
CA SER B 25 38.58 -20.30 -15.37
C SER B 25 37.16 -20.46 -14.81
N HIS B 26 37.05 -21.05 -13.63
CA HIS B 26 35.80 -21.31 -12.93
C HIS B 26 35.99 -21.44 -11.42
N SER B 27 34.89 -21.38 -10.69
CA SER B 27 34.80 -21.64 -9.23
C SER B 27 33.40 -22.10 -8.90
N TRP B 28 33.15 -22.54 -7.69
CA TRP B 28 31.88 -23.16 -7.25
C TRP B 28 31.39 -22.35 -6.06
N LEU B 29 30.14 -21.88 -6.13
CA LEU B 29 29.48 -21.17 -5.00
C LEU B 29 28.33 -22.01 -4.45
N CYS B 30 27.54 -21.43 -3.52
CA CYS B 30 26.42 -22.15 -2.89
C CYS B 30 26.96 -23.49 -2.37
N ASP B 31 28.09 -23.43 -1.63
CA ASP B 31 28.70 -24.60 -0.94
C ASP B 31 28.93 -25.74 -1.97
N GLY B 32 29.58 -25.43 -3.11
CA GLY B 32 29.92 -26.35 -4.21
C GLY B 32 28.81 -26.62 -5.23
N ARG B 33 27.60 -26.04 -5.11
CA ARG B 33 26.41 -26.48 -5.92
C ARG B 33 26.13 -25.52 -7.11
N LEU B 34 26.90 -24.43 -7.26
CA LEU B 34 26.65 -23.45 -8.38
C LEU B 34 27.95 -23.24 -9.16
N LEU B 35 27.97 -23.60 -10.46
CA LEU B 35 29.09 -23.25 -11.33
C LEU B 35 29.16 -21.75 -11.57
N CYS B 36 30.35 -21.15 -11.45
CA CYS B 36 30.63 -19.75 -11.84
C CYS B 36 31.78 -19.77 -12.86
N LEU B 37 31.52 -19.43 -14.11
CA LEU B 37 32.50 -19.26 -15.19
C LEU B 37 32.97 -17.80 -15.21
N HIS B 38 34.27 -17.52 -15.29
CA HIS B 38 34.81 -16.16 -15.04
C HIS B 38 35.29 -15.47 -16.31
N ASP B 39 35.46 -16.17 -17.43
CA ASP B 39 35.81 -15.53 -18.71
C ASP B 39 34.64 -15.67 -19.69
N PRO B 40 33.86 -14.59 -19.94
CA PRO B 40 32.64 -14.71 -20.74
C PRO B 40 32.86 -15.10 -22.20
N SER B 41 34.04 -14.84 -22.75
CA SER B 41 34.36 -15.13 -24.17
C SER B 41 35.21 -16.41 -24.34
N ASN B 42 35.38 -17.26 -23.34
CA ASN B 42 36.17 -18.52 -23.53
C ASN B 42 35.31 -19.53 -24.31
N LYS B 43 35.76 -19.94 -25.51
CA LYS B 43 35.01 -20.86 -26.42
C LYS B 43 34.84 -22.27 -25.83
N ASN B 44 35.54 -22.60 -24.72
CA ASN B 44 35.44 -23.92 -24.04
C ASN B 44 34.45 -23.89 -22.85
N ASN B 45 33.77 -22.75 -22.60
CA ASN B 45 32.85 -22.66 -21.41
C ASN B 45 31.81 -23.77 -21.44
N TRP B 46 31.35 -24.24 -22.61
CA TRP B 46 30.29 -25.26 -22.74
C TRP B 46 30.69 -26.57 -21.98
N LYS B 47 31.99 -26.84 -21.86
CA LYS B 47 32.48 -28.17 -21.40
C LYS B 47 31.98 -28.51 -20.00
N ILE B 48 32.17 -27.59 -19.04
CA ILE B 48 31.74 -27.82 -17.63
C ILE B 48 30.24 -27.42 -17.43
N PHE B 49 29.79 -26.45 -18.23
CA PHE B 49 28.35 -26.03 -18.26
C PHE B 49 27.40 -27.19 -18.53
N ARG B 50 27.75 -28.09 -19.51
CA ARG B 50 26.81 -29.14 -20.01
C ARG B 50 26.22 -29.97 -18.87
N GLU B 51 27.07 -30.54 -17.98
CA GLU B 51 26.52 -31.47 -16.98
C GLU B 51 25.67 -30.70 -15.96
N CYS B 52 26.09 -29.49 -15.56
CA CYS B 52 25.28 -28.68 -14.59
C CYS B 52 23.85 -28.42 -15.16
N TRP B 53 23.85 -28.06 -16.43
CA TRP B 53 22.62 -27.75 -17.20
C TRP B 53 21.77 -29.00 -17.38
N LYS B 54 22.38 -30.16 -17.69
CA LYS B 54 21.64 -31.45 -17.73
C LYS B 54 20.97 -31.77 -16.39
N GLN B 55 21.63 -31.51 -15.27
CA GLN B 55 21.13 -31.81 -13.91
C GLN B 55 20.08 -30.75 -13.49
N GLY B 56 19.79 -29.76 -14.32
CA GLY B 56 18.71 -28.78 -14.04
C GLY B 56 19.15 -27.66 -13.08
N GLN B 57 20.44 -27.38 -13.02
CA GLN B 57 21.03 -26.34 -12.16
C GLN B 57 21.07 -25.03 -12.92
N PRO B 58 20.86 -23.87 -12.25
CA PRO B 58 21.32 -22.61 -12.79
C PRO B 58 22.85 -22.53 -12.87
N VAL B 59 23.39 -21.62 -13.66
CA VAL B 59 24.82 -21.37 -13.84
C VAL B 59 25.06 -19.85 -13.85
N LEU B 60 26.19 -19.37 -13.36
CA LEU B 60 26.54 -17.93 -13.37
C LEU B 60 27.76 -17.70 -14.25
N VAL B 61 27.78 -16.66 -15.09
CA VAL B 61 28.96 -16.27 -15.87
C VAL B 61 29.25 -14.79 -15.52
N SER B 62 30.45 -14.50 -15.01
CA SER B 62 30.82 -13.14 -14.59
C SER B 62 31.57 -12.38 -15.68
N GLY B 63 31.71 -11.05 -15.54
CA GLY B 63 32.56 -10.22 -16.41
C GLY B 63 31.92 -9.69 -17.69
N VAL B 64 30.59 -9.87 -17.89
CA VAL B 64 29.95 -9.46 -19.17
C VAL B 64 30.00 -7.92 -19.31
N HIS B 65 29.96 -7.15 -18.21
CA HIS B 65 30.02 -5.66 -18.22
C HIS B 65 31.31 -5.16 -18.89
N LYS B 66 32.40 -5.90 -18.76
CA LYS B 66 33.70 -5.50 -19.37
C LYS B 66 33.66 -5.64 -20.88
N LYS B 67 32.72 -6.41 -21.44
CA LYS B 67 32.55 -6.56 -22.90
C LYS B 67 31.60 -5.47 -23.49
N LEU B 68 30.81 -4.77 -22.66
CA LEU B 68 29.78 -3.81 -23.13
C LEU B 68 30.36 -2.38 -23.18
N LYS B 69 29.69 -1.48 -23.89
CA LYS B 69 29.95 0.00 -23.90
C LYS B 69 29.21 0.66 -22.73
N SER B 70 29.91 0.95 -21.65
CA SER B 70 29.33 1.38 -20.33
C SER B 70 28.44 2.63 -20.51
N GLU B 71 28.77 3.52 -21.44
CA GLU B 71 28.02 4.78 -21.69
C GLU B 71 26.59 4.51 -22.22
N LEU B 72 26.33 3.36 -22.86
CA LEU B 72 25.00 2.98 -23.37
C LEU B 72 24.07 2.49 -22.24
N TRP B 73 24.56 2.19 -21.03
CA TRP B 73 23.73 1.48 -20.02
C TRP B 73 23.58 2.33 -18.75
N LYS B 74 23.64 3.66 -18.87
CA LYS B 74 23.52 4.60 -17.72
C LYS B 74 22.08 5.17 -17.62
N PRO B 75 21.55 5.27 -16.38
CA PRO B 75 20.22 5.86 -16.14
C PRO B 75 20.05 7.27 -16.74
N GLU B 76 21.11 8.09 -16.69
CA GLU B 76 21.07 9.49 -17.23
C GLU B 76 20.87 9.47 -18.74
N ALA B 77 21.46 8.52 -19.47
CA ALA B 77 21.28 8.43 -20.94
C ALA B 77 19.87 7.94 -21.31
N PHE B 78 19.27 6.99 -20.58
CA PHE B 78 17.87 6.57 -20.86
C PHE B 78 16.94 7.78 -20.63
N SER B 79 17.16 8.55 -19.56
CA SER B 79 16.35 9.77 -19.25
C SER B 79 16.47 10.80 -20.37
N GLN B 80 17.70 11.13 -20.81
CA GLN B 80 17.91 12.18 -21.85
C GLN B 80 17.32 11.74 -23.19
N GLU B 81 17.50 10.48 -23.57
CA GLU B 81 17.10 9.96 -24.88
C GLU B 81 15.61 9.64 -24.96
N PHE B 82 14.95 9.19 -23.88
CA PHE B 82 13.59 8.58 -23.97
C PHE B 82 12.62 9.17 -22.91
N GLY B 83 13.02 10.23 -22.24
CA GLY B 83 12.38 10.68 -20.98
C GLY B 83 10.98 11.28 -21.16
N ASP B 84 10.62 11.71 -22.38
CA ASP B 84 9.28 12.36 -22.56
C ASP B 84 8.25 11.31 -22.97
N GLN B 85 8.60 10.01 -23.03
CA GLN B 85 7.64 8.93 -23.28
C GLN B 85 6.72 8.72 -22.07
N ASP B 86 5.49 8.29 -22.32
CA ASP B 86 4.49 8.02 -21.24
C ASP B 86 4.58 6.55 -20.89
N VAL B 87 4.45 6.20 -19.60
CA VAL B 87 4.65 4.81 -19.14
C VAL B 87 3.83 4.54 -17.86
N ASP B 88 3.65 3.28 -17.52
CA ASP B 88 3.10 2.85 -16.21
C ASP B 88 4.24 2.39 -15.32
N LEU B 89 4.13 2.65 -14.00
CA LEU B 89 5.02 2.11 -12.94
C LEU B 89 4.21 1.21 -12.01
N VAL B 90 4.90 0.31 -11.31
CA VAL B 90 4.36 -0.59 -10.26
C VAL B 90 5.05 -0.22 -8.94
N ASN B 91 4.24 0.04 -7.91
CA ASN B 91 4.69 0.18 -6.51
C ASN B 91 4.99 -1.23 -5.97
N CYS B 92 6.26 -1.59 -5.74
CA CYS B 92 6.64 -2.97 -5.35
C CYS B 92 6.04 -3.34 -3.99
N ARG B 93 5.78 -2.38 -3.10
CA ARG B 93 5.27 -2.70 -1.73
C ARG B 93 3.80 -3.16 -1.77
N ASN B 94 2.97 -2.64 -2.66
CA ASN B 94 1.51 -2.92 -2.61
C ASN B 94 0.99 -3.38 -3.97
N CYS B 95 1.85 -3.52 -4.99
CA CYS B 95 1.51 -4.02 -6.34
C CYS B 95 0.60 -3.04 -7.10
N ALA B 96 0.40 -1.82 -6.60
CA ALA B 96 -0.45 -0.78 -7.25
C ALA B 96 0.20 -0.25 -8.52
N ILE B 97 -0.62 0.02 -9.55
CA ILE B 97 -0.15 0.64 -10.83
C ILE B 97 -0.27 2.15 -10.76
N ILE B 98 0.81 2.90 -10.99
CA ILE B 98 0.86 4.37 -11.15
C ILE B 98 0.83 4.63 -12.67
N SER B 99 -0.32 4.99 -13.24
CA SER B 99 -0.54 4.98 -14.71
C SER B 99 -0.18 6.32 -15.37
N ASP B 100 0.41 6.25 -16.55
CA ASP B 100 0.60 7.39 -17.48
C ASP B 100 1.42 8.52 -16.85
N VAL B 101 2.62 8.23 -16.38
CA VAL B 101 3.61 9.24 -15.95
C VAL B 101 4.77 9.26 -16.96
N LYS B 102 5.73 10.16 -16.80
CA LYS B 102 6.87 10.30 -17.76
C LYS B 102 7.98 9.31 -17.36
N VAL B 103 8.62 8.68 -18.36
CA VAL B 103 9.82 7.80 -18.23
C VAL B 103 10.84 8.59 -17.38
N ARG B 104 11.05 9.90 -17.57
CA ARG B 104 12.04 10.69 -16.81
C ARG B 104 11.74 10.74 -15.31
N ASP B 105 10.47 10.62 -14.91
CA ASP B 105 10.16 10.70 -13.46
C ASP B 105 10.59 9.37 -12.80
N PHE B 106 10.65 8.26 -13.53
CA PHE B 106 11.26 6.98 -13.04
C PHE B 106 12.79 7.16 -12.96
N TRP B 107 13.46 7.52 -14.05
CA TRP B 107 14.94 7.52 -14.13
C TRP B 107 15.55 8.62 -13.24
N ASP B 108 14.91 9.77 -13.08
CA ASP B 108 15.56 10.86 -12.32
C ASP B 108 15.57 10.55 -10.81
N GLY B 109 14.78 9.59 -10.33
CA GLY B 109 14.81 9.09 -8.96
C GLY B 109 15.57 7.77 -8.76
N PHE B 110 16.21 7.27 -9.82
CA PHE B 110 16.89 5.94 -9.77
C PHE B 110 17.90 5.88 -8.62
N GLU B 111 18.70 6.94 -8.42
CA GLU B 111 19.73 6.96 -7.36
C GLU B 111 19.54 8.11 -6.38
N ILE B 112 18.72 9.12 -6.68
CA ILE B 112 18.43 10.27 -5.77
C ILE B 112 17.06 10.05 -5.13
N ILE B 113 17.01 9.63 -3.89
CA ILE B 113 15.77 9.14 -3.20
C ILE B 113 14.76 10.30 -3.00
N CYS B 114 15.24 11.51 -2.69
CA CYS B 114 14.35 12.70 -2.47
C CYS B 114 13.58 13.08 -3.77
N LYS B 115 13.99 12.63 -4.96
CA LYS B 115 13.33 12.98 -6.26
C LYS B 115 12.24 11.97 -6.64
N ARG B 116 12.08 10.89 -5.89
CA ARG B 116 11.12 9.82 -6.24
C ARG B 116 9.68 10.26 -5.97
N LEU B 117 8.76 9.71 -6.75
CA LEU B 117 7.30 9.77 -6.48
C LEU B 117 7.04 9.17 -5.10
N ARG B 118 6.12 9.78 -4.34
CA ARG B 118 5.75 9.34 -2.97
C ARG B 118 4.38 8.69 -2.87
N SER B 119 4.20 7.83 -1.88
CA SER B 119 2.91 7.19 -1.54
C SER B 119 2.14 8.16 -0.57
N GLU B 120 0.91 7.77 -0.27
CA GLU B 120 -0.08 8.50 0.63
C GLU B 120 0.60 8.86 1.98
N ASP B 121 1.54 8.04 2.50
CA ASP B 121 2.24 8.22 3.81
C ASP B 121 3.39 9.23 3.72
N GLY B 122 3.59 9.87 2.55
CA GLY B 122 4.70 10.80 2.29
C GLY B 122 6.05 10.14 2.09
N GLN B 123 6.12 8.80 2.02
CA GLN B 123 7.41 8.11 1.87
C GLN B 123 7.74 7.96 0.37
N PRO B 124 9.03 8.01 0.01
CA PRO B 124 9.48 7.68 -1.35
C PRO B 124 9.10 6.22 -1.71
N MET B 125 8.51 6.00 -2.90
CA MET B 125 8.09 4.62 -3.28
C MET B 125 9.29 3.86 -3.89
N VAL B 126 9.24 2.56 -3.69
CA VAL B 126 10.11 1.58 -4.44
C VAL B 126 9.34 1.16 -5.68
N LEU B 127 9.84 1.58 -6.86
CA LEU B 127 9.09 1.51 -8.12
C LEU B 127 9.79 0.59 -9.13
N LYS B 128 9.01 -0.06 -9.98
CA LYS B 128 9.58 -0.71 -11.19
C LYS B 128 8.87 -0.22 -12.44
N LEU B 129 9.61 -0.09 -13.51
CA LEU B 129 9.09 0.37 -14.82
C LEU B 129 8.39 -0.82 -15.47
N LYS B 130 7.11 -0.70 -15.83
CA LYS B 130 6.36 -1.80 -16.43
C LYS B 130 6.49 -1.77 -17.96
N ASP B 131 6.83 -2.93 -18.55
CA ASP B 131 6.71 -3.16 -20.00
C ASP B 131 7.39 -2.02 -20.78
N TRP B 132 8.70 -1.83 -20.57
CA TRP B 132 9.49 -0.77 -21.24
C TRP B 132 10.87 -1.28 -21.64
N PRO B 133 11.32 -1.12 -22.91
CA PRO B 133 10.48 -0.75 -24.04
C PRO B 133 9.31 -1.70 -24.19
N PRO B 134 8.15 -1.20 -24.68
CA PRO B 134 6.93 -2.00 -24.71
C PRO B 134 6.94 -3.12 -25.75
N GLY B 135 6.35 -4.26 -25.38
CA GLY B 135 6.20 -5.45 -26.23
C GLY B 135 7.55 -5.85 -26.78
N GLU B 136 7.71 -5.84 -28.12
CA GLU B 136 8.94 -6.27 -28.82
C GLU B 136 9.61 -5.05 -29.47
N ASP B 137 9.46 -3.85 -28.89
CA ASP B 137 9.99 -2.60 -29.51
C ASP B 137 11.48 -2.40 -29.19
N PHE B 138 12.10 -3.29 -28.38
CA PHE B 138 13.50 -3.10 -27.90
C PHE B 138 14.44 -2.86 -29.08
N ARG B 139 14.45 -3.76 -30.07
CA ARG B 139 15.33 -3.58 -31.26
C ARG B 139 15.06 -2.27 -32.02
N ASP B 140 13.79 -1.91 -32.24
CA ASP B 140 13.38 -0.71 -33.03
C ASP B 140 13.69 0.54 -32.24
N MET B 141 13.50 0.55 -30.91
CA MET B 141 13.63 1.80 -30.13
C MET B 141 15.09 2.06 -29.79
N MET B 142 15.87 0.98 -29.57
CA MET B 142 17.24 1.05 -29.01
C MET B 142 18.17 0.17 -29.85
N PRO B 143 18.37 0.44 -31.16
CA PRO B 143 19.18 -0.47 -31.98
C PRO B 143 20.64 -0.66 -31.53
N THR B 144 21.28 0.39 -31.04
CA THR B 144 22.70 0.34 -30.61
C THR B 144 22.81 -0.48 -29.32
N ARG B 145 21.81 -0.40 -28.42
CA ARG B 145 21.77 -1.27 -27.21
C ARG B 145 21.56 -2.74 -27.59
N PHE B 146 20.65 -3.03 -28.51
CA PHE B 146 20.41 -4.39 -29.03
C PHE B 146 21.72 -5.00 -29.54
N GLU B 147 22.44 -4.29 -30.40
CA GLU B 147 23.72 -4.79 -30.99
C GLU B 147 24.75 -5.03 -29.87
N ASP B 148 24.88 -4.11 -28.92
CA ASP B 148 25.92 -4.21 -27.86
C ASP B 148 25.64 -5.48 -27.04
N LEU B 149 24.39 -5.67 -26.60
CA LEU B 149 24.05 -6.87 -25.76
C LEU B 149 24.19 -8.17 -26.58
N MET B 150 23.55 -8.28 -27.76
CA MET B 150 23.54 -9.57 -28.53
C MET B 150 24.93 -10.04 -28.91
N GLU B 151 25.81 -9.12 -29.34
CA GLU B 151 27.16 -9.49 -29.79
C GLU B 151 27.93 -10.06 -28.60
N ASN B 152 27.56 -9.72 -27.34
CA ASN B 152 28.40 -10.03 -26.14
C ASN B 152 27.72 -10.97 -25.12
N LEU B 153 26.65 -11.65 -25.53
CA LEU B 153 25.98 -12.69 -24.69
C LEU B 153 26.96 -13.85 -24.49
N PRO B 154 27.11 -14.35 -23.25
CA PRO B 154 27.89 -15.55 -22.99
C PRO B 154 27.17 -16.80 -23.55
N LEU B 155 27.96 -17.87 -23.66
CA LEU B 155 27.48 -19.18 -24.21
C LEU B 155 26.70 -18.89 -25.49
N PRO B 156 27.31 -18.21 -26.48
CA PRO B 156 26.59 -17.75 -27.66
C PRO B 156 26.02 -18.87 -28.56
N GLU B 157 26.62 -20.04 -28.60
CA GLU B 157 25.98 -21.15 -29.38
C GLU B 157 24.65 -21.54 -28.79
N TYR B 158 24.40 -21.25 -27.50
CA TYR B 158 23.13 -21.56 -26.81
C TYR B 158 22.19 -20.34 -26.92
N THR B 159 22.73 -19.11 -26.83
CA THR B 159 21.89 -17.91 -26.46
C THR B 159 21.63 -17.01 -27.68
N LYS B 160 22.46 -16.99 -28.74
CA LYS B 160 22.18 -16.14 -29.95
C LYS B 160 21.15 -16.82 -30.88
N ARG B 161 20.37 -16.05 -31.66
N ARG B 161 20.40 -16.01 -31.65
CA ARG B 161 19.28 -16.63 -32.52
CA ARG B 161 19.33 -16.47 -32.59
C ARG B 161 19.87 -17.65 -33.51
C ARG B 161 19.86 -17.59 -33.50
N ASP B 162 21.03 -17.37 -34.10
CA ASP B 162 21.67 -18.33 -35.03
C ASP B 162 22.72 -19.20 -34.34
N GLY B 163 22.67 -19.32 -33.02
CA GLY B 163 23.54 -20.26 -32.29
C GLY B 163 23.33 -21.71 -32.75
N ARG B 164 24.40 -22.50 -32.83
CA ARG B 164 24.33 -23.92 -33.27
C ARG B 164 23.32 -24.67 -32.40
N LEU B 165 23.27 -24.43 -31.09
CA LEU B 165 22.49 -25.25 -30.14
C LEU B 165 21.26 -24.47 -29.65
N ASN B 166 20.89 -23.36 -30.24
CA ASN B 166 19.61 -22.67 -29.93
C ASN B 166 18.53 -23.17 -30.91
N LEU B 167 17.50 -23.82 -30.39
CA LEU B 167 16.45 -24.43 -31.26
C LEU B 167 15.27 -23.48 -31.47
N ALA B 168 15.23 -22.30 -30.82
CA ALA B 168 14.02 -21.43 -30.81
C ALA B 168 13.53 -21.09 -32.23
N SER B 169 14.41 -20.70 -33.14
CA SER B 169 13.98 -20.28 -34.51
C SER B 169 13.51 -21.46 -35.35
N ARG B 170 13.83 -22.70 -34.99
CA ARG B 170 13.53 -23.90 -35.80
C ARG B 170 12.25 -24.61 -35.36
N LEU B 171 11.88 -24.53 -34.09
CA LEU B 171 10.79 -25.39 -33.56
C LEU B 171 9.42 -24.75 -33.80
N PRO B 172 8.37 -25.60 -33.98
CA PRO B 172 6.99 -25.10 -33.96
C PRO B 172 6.47 -24.45 -32.66
N SER B 173 5.31 -23.77 -32.76
CA SER B 173 4.74 -22.96 -31.64
C SER B 173 4.36 -23.80 -30.44
N TYR B 174 4.16 -25.11 -30.58
CA TYR B 174 3.86 -26.01 -29.41
C TYR B 174 5.11 -26.24 -28.53
N PHE B 175 6.31 -25.75 -28.96
CA PHE B 175 7.51 -25.75 -28.08
C PHE B 175 7.87 -24.34 -27.59
N VAL B 176 7.60 -23.30 -28.35
CA VAL B 176 8.20 -21.96 -28.08
C VAL B 176 7.43 -20.87 -28.83
N ARG B 177 7.31 -19.67 -28.22
CA ARG B 177 6.76 -18.45 -28.86
C ARG B 177 7.68 -18.06 -30.01
N PRO B 178 7.14 -17.59 -31.17
CA PRO B 178 7.97 -17.12 -32.27
C PRO B 178 8.69 -15.79 -31.98
N ASP B 179 9.81 -15.57 -32.69
CA ASP B 179 10.49 -14.25 -32.81
C ASP B 179 10.93 -13.74 -31.41
N LEU B 180 11.75 -14.50 -30.69
CA LEU B 180 12.20 -14.10 -29.32
C LEU B 180 13.14 -12.89 -29.47
N GLY B 181 13.02 -11.91 -28.56
CA GLY B 181 13.92 -10.75 -28.45
C GLY B 181 14.13 -10.36 -27.00
N PRO B 182 15.09 -9.47 -26.73
CA PRO B 182 15.47 -9.15 -25.34
C PRO B 182 14.40 -8.30 -24.64
N LYS B 183 14.37 -8.43 -23.32
CA LYS B 183 13.48 -7.60 -22.45
C LYS B 183 14.30 -6.94 -21.36
N MET B 184 13.98 -5.71 -21.01
CA MET B 184 14.73 -4.91 -20.00
C MET B 184 13.94 -4.91 -18.70
N TYR B 185 14.58 -5.07 -17.54
CA TYR B 185 13.95 -5.11 -16.18
C TYR B 185 14.60 -4.03 -15.31
N ASN B 186 13.84 -2.94 -15.05
CA ASN B 186 14.36 -1.70 -14.44
C ASN B 186 13.57 -1.46 -13.13
N ALA B 187 14.25 -1.42 -11.99
CA ALA B 187 13.52 -1.26 -10.70
C ALA B 187 14.45 -0.70 -9.62
N TYR B 188 13.88 0.09 -8.70
CA TYR B 188 14.62 0.62 -7.55
C TYR B 188 14.98 -0.51 -6.60
N GLY B 189 15.96 -0.23 -5.70
CA GLY B 189 16.32 -1.10 -4.56
C GLY B 189 15.31 -1.13 -3.43
N LEU B 190 14.98 -2.26 -2.86
CA LEU B 190 14.22 -2.35 -1.59
C LEU B 190 15.14 -1.91 -0.43
N ILE B 191 14.54 -1.33 0.62
CA ILE B 191 15.27 -0.40 1.56
C ILE B 191 15.04 -0.79 3.03
N THR B 192 13.80 -1.00 3.45
CA THR B 192 13.45 -1.05 4.91
C THR B 192 13.50 -2.49 5.44
N ALA B 193 13.39 -2.66 6.76
CA ALA B 193 13.32 -4.00 7.36
C ALA B 193 12.02 -4.68 6.90
N GLU B 194 10.90 -3.96 6.79
CA GLU B 194 9.63 -4.54 6.29
C GLU B 194 9.82 -4.92 4.79
N ASP B 195 10.68 -4.21 4.07
CA ASP B 195 10.96 -4.50 2.63
C ASP B 195 11.64 -5.87 2.47
N ARG B 196 12.26 -6.41 3.52
CA ARG B 196 12.97 -7.72 3.43
C ARG B 196 12.04 -8.81 2.92
N ARG B 197 10.72 -8.75 3.21
CA ARG B 197 9.72 -9.78 2.87
C ARG B 197 9.05 -9.55 1.50
N VAL B 198 9.50 -8.53 0.76
CA VAL B 198 8.89 -8.07 -0.51
C VAL B 198 9.77 -8.54 -1.69
N GLY B 199 9.14 -8.95 -2.78
CA GLY B 199 9.90 -9.20 -4.04
C GLY B 199 9.93 -8.01 -5.00
N THR B 200 11.01 -7.77 -5.74
CA THR B 200 11.01 -7.01 -6.99
C THR B 200 10.18 -7.78 -8.05
N THR B 201 10.49 -9.07 -8.24
CA THR B 201 9.74 -9.98 -9.12
C THR B 201 9.32 -11.18 -8.29
N ASN B 202 8.02 -11.40 -8.07
CA ASN B 202 7.51 -12.49 -7.23
C ASN B 202 7.85 -13.86 -7.82
N LEU B 203 7.81 -14.90 -6.98
CA LEU B 203 8.03 -16.30 -7.39
C LEU B 203 7.17 -16.66 -8.60
N HIS B 204 7.80 -17.16 -9.68
CA HIS B 204 7.08 -17.53 -10.93
C HIS B 204 7.97 -18.54 -11.69
N LEU B 205 7.47 -19.10 -12.78
CA LEU B 205 8.37 -19.84 -13.71
C LEU B 205 8.19 -19.33 -15.13
N ASP B 206 9.17 -19.64 -15.99
CA ASP B 206 9.14 -19.26 -17.42
C ASP B 206 9.12 -20.55 -18.26
N VAL B 207 8.45 -20.53 -19.42
CA VAL B 207 8.27 -21.76 -20.25
C VAL B 207 9.45 -22.02 -21.20
N SER B 208 10.40 -21.12 -21.28
CA SER B 208 11.66 -21.32 -22.06
C SER B 208 12.84 -21.21 -21.14
N ASP B 209 14.02 -21.61 -21.61
CA ASP B 209 15.29 -21.26 -20.95
C ASP B 209 15.52 -19.75 -21.06
N ALA B 210 16.34 -19.17 -20.19
CA ALA B 210 16.70 -17.73 -20.26
C ALA B 210 18.06 -17.42 -19.66
N VAL B 211 18.63 -16.31 -20.10
CA VAL B 211 19.83 -15.67 -19.50
C VAL B 211 19.50 -14.24 -19.12
N ASN B 212 19.85 -13.85 -17.91
CA ASN B 212 19.57 -12.48 -17.37
C ASN B 212 20.91 -11.83 -16.99
N VAL B 213 21.24 -10.72 -17.65
CA VAL B 213 22.54 -9.97 -17.49
C VAL B 213 22.30 -8.67 -16.67
N MET B 214 23.04 -8.51 -15.58
CA MET B 214 23.09 -7.25 -14.77
C MET B 214 23.95 -6.22 -15.52
N VAL B 215 23.38 -5.15 -16.11
CA VAL B 215 24.17 -4.17 -16.91
C VAL B 215 24.45 -2.87 -16.16
N TYR B 216 23.75 -2.59 -15.05
CA TYR B 216 24.01 -1.38 -14.22
C TYR B 216 23.48 -1.58 -12.81
N VAL B 217 24.26 -1.12 -11.83
CA VAL B 217 23.86 -1.08 -10.40
C VAL B 217 24.08 0.35 -9.89
N GLY B 218 23.00 0.96 -9.39
CA GLY B 218 22.98 2.34 -8.85
C GLY B 218 22.77 2.29 -7.36
N ILE B 219 23.78 2.76 -6.65
CA ILE B 219 23.83 2.83 -5.16
C ILE B 219 23.58 4.29 -4.76
N PRO B 220 22.47 4.62 -4.09
CA PRO B 220 22.23 5.99 -3.60
C PRO B 220 23.22 6.37 -2.48
N ILE B 221 23.64 7.65 -2.39
CA ILE B 221 24.34 8.21 -1.18
C ILE B 221 23.35 9.07 -0.37
N ALA B 225 25.90 5.36 3.38
CA ALA B 225 25.75 3.92 3.03
C ALA B 225 24.72 3.28 3.97
N HIS B 226 23.52 2.99 3.45
CA HIS B 226 22.47 2.21 4.17
C HIS B 226 22.74 0.72 3.95
N ASP B 227 24.01 0.36 3.73
CA ASP B 227 24.53 -1.04 3.64
C ASP B 227 24.16 -1.83 4.90
N GLU B 228 23.55 -1.20 5.90
CA GLU B 228 23.19 -1.82 7.20
C GLU B 228 22.19 -2.95 6.94
N GLU B 229 21.00 -2.58 6.43
CA GLU B 229 19.87 -3.49 6.14
C GLU B 229 20.24 -4.42 4.96
N VAL B 230 21.04 -3.95 4.01
CA VAL B 230 21.54 -4.79 2.87
C VAL B 230 22.42 -5.93 3.41
N LEU B 231 23.36 -5.67 4.35
CA LEU B 231 24.22 -6.76 4.90
C LEU B 231 23.36 -7.81 5.63
N LYS B 232 22.30 -7.39 6.32
CA LYS B 232 21.40 -8.31 7.06
C LYS B 232 20.52 -9.11 6.07
N THR B 233 20.06 -8.48 4.99
CA THR B 233 19.19 -9.12 3.96
C THR B 233 19.98 -10.27 3.28
N ILE B 234 21.29 -10.08 3.07
CA ILE B 234 22.22 -11.07 2.43
C ILE B 234 22.34 -12.29 3.34
N ASP B 235 22.56 -12.03 4.62
CA ASP B 235 22.76 -13.08 5.65
C ASP B 235 21.53 -13.97 5.77
N GLU B 236 20.41 -13.37 6.16
CA GLU B 236 19.09 -14.04 6.37
C GLU B 236 18.61 -14.67 5.05
N GLY B 237 19.01 -14.07 3.91
CA GLY B 237 18.78 -14.59 2.54
C GLY B 237 19.44 -15.94 2.32
N ASP B 238 20.45 -16.30 3.15
CA ASP B 238 21.11 -17.64 3.15
C ASP B 238 22.20 -17.69 2.07
N ALA B 239 22.78 -16.55 1.71
CA ALA B 239 23.98 -16.49 0.84
C ALA B 239 25.12 -17.27 1.53
N ASP B 240 26.08 -17.77 0.74
CA ASP B 240 27.24 -18.57 1.24
C ASP B 240 28.31 -17.62 1.78
N GLU B 241 29.33 -18.13 2.52
CA GLU B 241 30.27 -17.26 3.28
C GLU B 241 31.22 -16.49 2.35
N VAL B 242 31.70 -17.09 1.25
CA VAL B 242 32.57 -16.43 0.24
C VAL B 242 31.87 -15.13 -0.24
N THR B 243 30.57 -15.21 -0.49
CA THR B 243 29.73 -14.11 -1.05
C THR B 243 29.57 -13.00 0.01
N LYS B 244 29.26 -13.36 1.26
CA LYS B 244 29.18 -12.39 2.37
C LYS B 244 30.52 -11.67 2.57
N GLU B 245 31.60 -12.45 2.69
CA GLU B 245 32.95 -11.93 3.01
C GLU B 245 33.46 -11.20 1.76
N ARG B 246 32.65 -11.20 0.70
CA ARG B 246 33.02 -10.63 -0.61
C ARG B 246 32.39 -9.25 -0.79
N ILE B 247 31.25 -8.98 -0.17
CA ILE B 247 30.68 -7.61 -0.21
C ILE B 247 31.54 -6.69 0.70
N HIS B 248 32.83 -7.05 0.91
CA HIS B 248 33.93 -6.17 1.40
C HIS B 248 35.29 -6.89 1.37
N ASP B 249 35.69 -7.46 0.21
CA ASP B 249 37.02 -8.09 -0.06
C ASP B 249 37.65 -7.45 -1.31
N HIS B 250 36.89 -7.41 -2.41
CA HIS B 250 36.95 -6.35 -3.47
C HIS B 250 36.07 -5.19 -2.96
N LYS B 251 35.66 -4.26 -3.83
CA LYS B 251 34.51 -3.35 -3.58
C LYS B 251 33.57 -3.40 -4.79
N GLU B 252 32.98 -4.57 -5.03
CA GLU B 252 32.05 -4.78 -6.19
C GLU B 252 30.71 -4.15 -5.82
N LYS B 253 29.80 -4.22 -6.78
CA LYS B 253 28.43 -3.68 -6.74
C LYS B 253 27.45 -4.85 -6.74
N PRO B 254 26.97 -5.32 -5.56
CA PRO B 254 25.88 -6.30 -5.49
C PRO B 254 24.55 -5.69 -5.93
N GLY B 255 23.83 -6.33 -6.85
CA GLY B 255 22.62 -5.74 -7.45
C GLY B 255 21.35 -6.38 -6.90
N ALA B 256 21.25 -7.71 -6.93
CA ALA B 256 20.00 -8.41 -6.60
C ALA B 256 20.27 -9.77 -5.94
N LEU B 257 19.35 -10.17 -5.07
CA LEU B 257 19.32 -11.47 -4.41
C LEU B 257 18.23 -12.32 -5.07
N TRP B 258 18.62 -13.45 -5.66
CA TRP B 258 17.72 -14.42 -6.28
C TRP B 258 17.54 -15.65 -5.35
N HIS B 259 16.40 -16.29 -5.39
CA HIS B 259 16.15 -17.68 -4.96
C HIS B 259 15.63 -18.43 -6.20
N ILE B 260 16.35 -19.50 -6.57
CA ILE B 260 16.01 -20.38 -7.73
C ILE B 260 15.80 -21.80 -7.22
N TYR B 261 14.76 -22.46 -7.70
CA TYR B 261 14.38 -23.87 -7.32
C TYR B 261 14.40 -24.76 -8.57
N ALA B 262 14.76 -26.04 -8.37
CA ALA B 262 14.79 -26.96 -9.53
C ALA B 262 13.37 -27.16 -10.12
N ALA B 263 13.26 -27.31 -11.46
CA ALA B 263 11.99 -27.58 -12.16
C ALA B 263 11.24 -28.78 -11.53
N LYS B 264 11.97 -29.79 -11.06
CA LYS B 264 11.32 -31.02 -10.51
C LYS B 264 10.69 -30.76 -9.12
N ASP B 265 10.99 -29.64 -8.46
CA ASP B 265 10.46 -29.27 -7.11
C ASP B 265 9.23 -28.34 -7.20
N ALA B 266 8.78 -27.96 -8.41
CA ALA B 266 7.67 -26.98 -8.55
C ALA B 266 6.42 -27.47 -7.81
N GLU B 267 6.06 -28.74 -7.93
CA GLU B 267 4.75 -29.25 -7.38
C GLU B 267 4.80 -29.26 -5.86
N LYS B 268 5.95 -29.58 -5.25
CA LYS B 268 6.13 -29.50 -3.78
C LYS B 268 5.97 -28.04 -3.34
N ILE B 269 6.46 -27.08 -4.12
CA ILE B 269 6.29 -25.64 -3.77
C ILE B 269 4.80 -25.29 -3.84
N ARG B 270 4.08 -25.77 -4.85
CA ARG B 270 2.63 -25.49 -5.00
C ARG B 270 1.87 -26.07 -3.78
N GLU B 271 2.24 -27.27 -3.36
CA GLU B 271 1.60 -27.93 -2.18
C GLU B 271 1.76 -27.02 -0.95
N LEU B 272 2.98 -26.52 -0.69
CA LEU B 272 3.22 -25.64 0.49
C LEU B 272 2.34 -24.38 0.39
N LEU B 273 2.32 -23.69 -0.75
CA LEU B 273 1.61 -22.39 -0.88
C LEU B 273 0.07 -22.56 -0.91
N ARG B 274 -0.45 -23.71 -1.36
CA ARG B 274 -1.90 -24.02 -1.25
C ARG B 274 -2.28 -24.08 0.24
N LYS B 275 -1.46 -24.76 1.05
CA LYS B 275 -1.67 -24.90 2.50
C LYS B 275 -1.58 -23.51 3.15
N VAL B 276 -0.49 -22.77 2.94
CA VAL B 276 -0.25 -21.45 3.60
C VAL B 276 -1.36 -20.49 3.18
N GLY B 277 -1.82 -20.58 1.93
CA GLY B 277 -2.92 -19.75 1.41
C GLY B 277 -4.21 -20.01 2.20
N GLU B 278 -4.48 -21.30 2.49
CA GLU B 278 -5.64 -21.79 3.28
C GLU B 278 -5.54 -21.19 4.68
N GLU B 279 -4.38 -21.33 5.34
CA GLU B 279 -4.13 -20.83 6.72
C GLU B 279 -4.38 -19.31 6.78
N GLN B 280 -4.21 -18.59 5.69
CA GLN B 280 -4.24 -17.09 5.68
C GLN B 280 -5.60 -16.58 5.21
N GLY B 281 -6.61 -17.43 5.05
CA GLY B 281 -7.97 -16.98 4.70
C GLY B 281 -8.38 -17.42 3.31
N GLN B 282 -7.57 -17.10 2.29
CA GLN B 282 -7.83 -17.37 0.84
C GLN B 282 -8.73 -18.61 0.70
N GLU B 283 -9.75 -18.52 -0.15
CA GLU B 283 -10.60 -19.68 -0.57
C GLU B 283 -10.26 -20.02 -2.02
N ASN B 284 -9.42 -21.05 -2.22
CA ASN B 284 -8.90 -21.43 -3.56
C ASN B 284 -9.36 -22.85 -3.87
N PRO B 285 -9.68 -23.18 -5.14
CA PRO B 285 -9.84 -24.58 -5.55
C PRO B 285 -8.61 -25.41 -5.20
N PRO B 286 -8.76 -26.75 -5.09
CA PRO B 286 -7.62 -27.61 -4.77
C PRO B 286 -6.62 -27.70 -5.94
N ASP B 287 -7.06 -27.31 -7.15
CA ASP B 287 -6.29 -27.30 -8.44
C ASP B 287 -5.41 -26.05 -8.54
N HIS B 288 -5.72 -25.03 -7.75
CA HIS B 288 -5.12 -23.68 -7.81
C HIS B 288 -3.58 -23.76 -7.95
N ASP B 289 -3.02 -22.87 -8.78
CA ASP B 289 -1.56 -22.82 -9.08
C ASP B 289 -0.98 -21.52 -8.54
N PRO B 290 -0.43 -21.53 -7.31
CA PRO B 290 0.16 -20.33 -6.72
C PRO B 290 1.44 -19.85 -7.44
N ILE B 291 2.10 -20.71 -8.23
CA ILE B 291 3.31 -20.26 -9.00
C ILE B 291 2.80 -19.47 -10.22
N HIS B 292 1.78 -19.98 -10.92
CA HIS B 292 1.12 -19.24 -12.03
C HIS B 292 0.57 -17.89 -11.53
N ASP B 293 0.06 -17.84 -10.30
CA ASP B 293 -0.53 -16.58 -9.76
C ASP B 293 0.49 -15.45 -9.66
N GLN B 294 1.79 -15.75 -9.48
CA GLN B 294 2.87 -14.75 -9.34
C GLN B 294 2.53 -13.76 -8.20
N SER B 295 1.95 -14.24 -7.11
CA SER B 295 1.49 -13.40 -5.96
C SER B 295 2.38 -13.58 -4.72
N TRP B 296 3.28 -14.56 -4.68
CA TRP B 296 4.11 -14.93 -3.50
C TRP B 296 5.56 -14.48 -3.57
N TYR B 297 6.11 -14.10 -2.43
CA TYR B 297 7.58 -14.01 -2.21
C TYR B 297 7.91 -14.90 -1.01
N LEU B 298 8.79 -15.90 -1.20
CA LEU B 298 9.23 -16.77 -0.09
C LEU B 298 10.22 -16.03 0.80
N ASP B 299 9.76 -15.61 2.02
CA ASP B 299 10.61 -14.92 3.01
C ASP B 299 11.36 -16.00 3.82
N GLN B 300 12.12 -15.61 4.82
CA GLN B 300 12.96 -16.59 5.58
C GLN B 300 12.04 -17.64 6.20
N THR B 301 10.93 -17.23 6.78
CA THR B 301 9.97 -18.19 7.41
C THR B 301 9.52 -19.23 6.38
N LEU B 302 9.10 -18.81 5.18
CA LEU B 302 8.56 -19.78 4.19
C LEU B 302 9.70 -20.65 3.62
N ARG B 303 10.88 -20.10 3.37
CA ARG B 303 12.04 -20.89 2.86
C ARG B 303 12.39 -22.00 3.87
N LYS B 304 12.41 -21.69 5.16
CA LYS B 304 12.74 -22.71 6.20
C LYS B 304 11.65 -23.79 6.22
N ARG B 305 10.37 -23.42 6.16
CA ARG B 305 9.23 -24.37 6.15
C ARG B 305 9.26 -25.23 4.87
N LEU B 306 9.61 -24.67 3.70
CA LEU B 306 9.76 -25.46 2.44
C LEU B 306 10.79 -26.57 2.68
N TYR B 307 11.95 -26.25 3.24
CA TYR B 307 13.06 -27.23 3.46
C TYR B 307 12.66 -28.32 4.46
N GLU B 308 12.18 -27.88 5.63
N GLU B 308 12.13 -27.92 5.61
CA GLU B 308 11.72 -28.74 6.77
CA GLU B 308 11.79 -28.84 6.74
C GLU B 308 10.62 -29.69 6.31
C GLU B 308 10.58 -29.71 6.38
N GLU B 309 9.52 -29.13 5.78
CA GLU B 309 8.28 -29.90 5.46
C GLU B 309 8.45 -30.70 4.17
N TYR B 310 9.22 -30.24 3.16
CA TYR B 310 9.15 -30.89 1.82
C TYR B 310 10.51 -31.37 1.33
N GLY B 311 11.62 -31.09 2.06
CA GLY B 311 12.98 -31.47 1.64
C GLY B 311 13.57 -30.58 0.54
N VAL B 312 12.95 -29.44 0.22
CA VAL B 312 13.33 -28.59 -0.97
C VAL B 312 14.28 -27.47 -0.53
N GLN B 313 15.47 -27.38 -1.13
CA GLN B 313 16.56 -26.45 -0.71
C GLN B 313 16.60 -25.18 -1.60
N GLY B 314 16.83 -25.31 -2.90
CA GLY B 314 17.00 -24.08 -3.74
C GLY B 314 18.35 -23.41 -3.60
N TRP B 315 18.64 -22.46 -4.49
CA TRP B 315 19.92 -21.75 -4.65
C TRP B 315 19.71 -20.27 -4.30
N ALA B 316 20.46 -19.71 -3.34
CA ALA B 316 20.45 -18.27 -2.99
C ALA B 316 21.66 -17.64 -3.70
N ILE B 317 21.41 -16.77 -4.67
CA ILE B 317 22.44 -16.18 -5.58
C ILE B 317 22.43 -14.65 -5.43
N VAL B 318 23.60 -14.05 -5.26
CA VAL B 318 23.76 -12.58 -5.40
C VAL B 318 24.34 -12.28 -6.76
N GLN B 319 23.55 -11.53 -7.55
CA GLN B 319 23.94 -11.13 -8.91
C GLN B 319 24.63 -9.77 -8.79
N PHE B 320 25.92 -9.70 -9.08
CA PHE B 320 26.70 -8.45 -9.08
C PHE B 320 26.68 -7.83 -10.47
N LEU B 321 27.18 -6.59 -10.63
CA LEU B 321 27.34 -5.94 -11.94
C LEU B 321 28.13 -6.86 -12.90
N GLY B 322 27.56 -7.15 -14.08
CA GLY B 322 28.21 -7.97 -15.10
C GLY B 322 27.88 -9.45 -14.97
N ASP B 323 27.19 -9.91 -13.91
CA ASP B 323 26.85 -11.34 -13.75
C ASP B 323 25.67 -11.69 -14.70
N ALA B 324 25.80 -12.78 -15.45
CA ALA B 324 24.74 -13.42 -16.24
C ALA B 324 24.24 -14.65 -15.49
N VAL B 325 22.95 -14.74 -15.17
CA VAL B 325 22.33 -15.88 -14.50
C VAL B 325 21.54 -16.66 -15.54
N PHE B 326 21.89 -17.95 -15.72
CA PHE B 326 21.21 -18.89 -16.62
C PHE B 326 20.16 -19.63 -15.81
N ILE B 327 18.93 -19.58 -16.26
CA ILE B 327 17.71 -20.10 -15.59
C ILE B 327 17.05 -21.20 -16.43
N PRO B 328 17.04 -22.46 -15.98
CA PRO B 328 16.41 -23.56 -16.72
C PRO B 328 14.91 -23.33 -16.89
N ALA B 329 14.36 -23.69 -18.06
CA ALA B 329 12.90 -23.70 -18.29
C ALA B 329 12.20 -24.44 -17.12
N GLY B 330 11.20 -23.80 -16.54
CA GLY B 330 10.31 -24.40 -15.52
C GLY B 330 10.93 -24.33 -14.12
N ALA B 331 12.11 -23.75 -13.94
CA ALA B 331 12.74 -23.59 -12.59
C ALA B 331 12.03 -22.43 -11.91
N PRO B 332 11.26 -22.60 -10.81
CA PRO B 332 10.66 -21.42 -10.16
C PRO B 332 11.73 -20.48 -9.58
N HIS B 333 11.48 -19.18 -9.64
CA HIS B 333 12.45 -18.18 -9.13
C HIS B 333 11.77 -16.86 -8.74
N GLN B 334 12.48 -16.18 -7.86
CA GLN B 334 12.09 -14.83 -7.34
C GLN B 334 13.32 -13.95 -7.26
N VAL B 335 13.15 -12.61 -7.37
CA VAL B 335 14.24 -11.62 -7.37
C VAL B 335 13.94 -10.49 -6.36
N HIS B 336 14.95 -10.08 -5.58
CA HIS B 336 14.82 -8.98 -4.57
C HIS B 336 15.97 -8.02 -4.82
N ASN B 337 15.71 -6.81 -5.39
CA ASN B 337 16.78 -5.85 -5.67
C ASN B 337 17.32 -5.28 -4.33
N LEU B 338 18.64 -5.37 -4.15
CA LEU B 338 19.39 -4.78 -3.00
C LEU B 338 19.63 -3.30 -3.26
N TYR B 339 19.96 -2.92 -4.48
CA TYR B 339 20.15 -1.53 -4.95
C TYR B 339 19.35 -1.38 -6.26
N SER B 340 19.30 -0.17 -6.83
CA SER B 340 18.56 0.07 -8.09
C SER B 340 19.32 -0.68 -9.21
N CYS B 341 18.61 -1.43 -10.05
CA CYS B 341 19.25 -2.30 -11.08
C CYS B 341 18.65 -2.08 -12.47
N ILE B 342 19.50 -2.20 -13.48
CA ILE B 342 19.13 -2.40 -14.90
C ILE B 342 19.58 -3.82 -15.33
N LYS B 343 18.60 -4.68 -15.64
CA LYS B 343 18.92 -6.05 -16.15
C LYS B 343 18.39 -6.20 -17.57
N VAL B 344 19.01 -7.05 -18.41
CA VAL B 344 18.44 -7.38 -19.75
C VAL B 344 18.43 -8.90 -19.87
N ALA B 345 17.31 -9.48 -20.29
CA ALA B 345 17.17 -10.96 -20.39
C ALA B 345 16.83 -11.37 -21.82
N GLU B 346 17.35 -12.54 -22.23
CA GLU B 346 17.05 -13.20 -23.54
C GLU B 346 16.58 -14.63 -23.31
N ASP B 347 15.45 -15.00 -23.88
CA ASP B 347 14.91 -16.37 -23.88
C ASP B 347 15.58 -17.19 -25.02
N PHE B 348 15.71 -18.50 -24.80
CA PHE B 348 16.30 -19.44 -25.81
C PHE B 348 15.75 -20.84 -25.51
N VAL B 349 16.01 -21.81 -26.40
CA VAL B 349 15.58 -23.22 -26.20
C VAL B 349 16.77 -24.17 -26.38
N SER B 350 17.31 -24.76 -25.31
CA SER B 350 18.41 -25.76 -25.43
C SER B 350 17.84 -27.15 -25.74
N PRO B 351 18.61 -27.98 -26.48
CA PRO B 351 18.19 -29.37 -26.66
C PRO B 351 18.01 -30.14 -25.34
N GLU B 352 18.79 -29.85 -24.33
CA GLU B 352 18.76 -30.52 -23.00
C GLU B 352 17.34 -30.40 -22.42
N HIS B 353 16.65 -29.27 -22.65
CA HIS B 353 15.39 -28.95 -21.97
C HIS B 353 14.19 -28.92 -22.93
N VAL B 354 14.30 -29.44 -24.16
CA VAL B 354 13.19 -29.36 -25.16
C VAL B 354 11.91 -30.07 -24.71
N LYS B 355 12.01 -31.20 -24.01
CA LYS B 355 10.81 -31.92 -23.52
C LYS B 355 10.06 -31.02 -22.50
N HIS B 356 10.82 -30.40 -21.59
CA HIS B 356 10.27 -29.49 -20.57
C HIS B 356 9.56 -28.34 -21.29
N CYS B 357 10.18 -27.73 -22.31
CA CYS B 357 9.59 -26.62 -23.05
C CYS B 357 8.21 -27.02 -23.64
N PHE B 358 8.10 -28.20 -24.23
CA PHE B 358 6.79 -28.70 -24.76
C PHE B 358 5.77 -28.82 -23.62
N ARG B 359 6.12 -29.46 -22.50
CA ARG B 359 5.16 -29.68 -21.38
C ARG B 359 4.75 -28.34 -20.78
N LEU B 360 5.71 -27.43 -20.56
CA LEU B 360 5.37 -26.13 -19.95
C LEU B 360 4.49 -25.29 -20.87
N THR B 361 4.69 -25.32 -22.19
CA THR B 361 3.87 -24.58 -23.15
C THR B 361 2.42 -25.14 -23.12
N GLN B 362 2.30 -26.46 -23.05
CA GLN B 362 0.98 -27.14 -22.95
C GLN B 362 0.26 -26.63 -21.69
N GLU B 363 0.94 -26.62 -20.56
CA GLU B 363 0.36 -26.22 -19.23
C GLU B 363 -0.03 -24.74 -19.30
N PHE B 364 0.83 -23.87 -19.87
CA PHE B 364 0.53 -22.42 -19.99
C PHE B 364 -0.77 -22.22 -20.76
N ARG B 365 -0.95 -22.88 -21.89
CA ARG B 365 -2.19 -22.82 -22.72
C ARG B 365 -3.40 -23.27 -21.88
N HIS B 366 -3.26 -24.34 -21.08
CA HIS B 366 -4.35 -24.87 -20.22
C HIS B 366 -4.71 -23.86 -19.13
N LEU B 367 -3.71 -23.29 -18.47
CA LEU B 367 -3.94 -22.32 -17.36
C LEU B 367 -4.50 -21.00 -17.92
N SER B 368 -4.39 -20.78 -19.23
CA SER B 368 -4.80 -19.54 -19.95
C SER B 368 -6.34 -19.46 -20.07
N ASN B 369 -6.98 -20.55 -20.51
CA ASN B 369 -8.46 -20.63 -20.68
C ASN B 369 -9.03 -21.69 -19.74
#